data_9GE2
#
_entry.id   9GE2
#
_cell.length_a   1.00
_cell.length_b   1.00
_cell.length_c   1.00
_cell.angle_alpha   90.00
_cell.angle_beta   90.00
_cell.angle_gamma   90.00
#
_symmetry.space_group_name_H-M   'P 1'
#
loop_
_entity.id
_entity.type
_entity.pdbx_description
1 polymer 'Guanine nucleotide-binding protein G(i) subunit alpha-2,Guanine nucleotide-binding protein subunit alpha-13'
2 polymer 'Guanine nucleotide-binding protein G(I)/G(S)/G(T) subunit beta-1'
3 polymer 'Single-chain variable fragment ScFv16'
4 polymer 'Guanine nucleotide-binding protein G(I)/G(S)/G(O) subunit gamma-2'
5 polymer 'Green fluorescent protein,G-protein coupled receptor 55,G-protein coupled receptor 55'
6 branched 2-acetamido-2-deoxy-beta-D-glucopyranose-(1-4)-2-acetamido-2-deoxy-beta-D-glucopyranose
7 non-polymer 3-[4-(2,3-dimethylphenyl)piperazin-1-yl]carbonyl-N,N-dimethyl-4-pyrrolidin-1-yl-benzenesulfonamide
8 non-polymer CHOLESTEROL
9 water water
#
loop_
_entity_poly.entity_id
_entity_poly.type
_entity_poly.pdbx_seq_one_letter_code
_entity_poly.pdbx_strand_id
1 'polypeptide(L)'
;MGSTVSAEDKAAAERSKEIDKCLSREKTYVKRLVKILLLGADNSGKSTFLKQMRIIHGGSGGSGGTKGIHEYDFEIKNVP
FKMVDVGGQRSERKRWFECFDSVTSILFLVDSSDFNRLTESLNDFETIVNNRVFSNVSIILFLNKTDLLEEKVQIVSIKD
YFLEFEGDPHCLRDVQKFLVECFRNKRRDQQQKPLYHHFTTAINTENARLIFRDVKDTILHDNLKQLMLQ
;
A
2 'polypeptide(L)'
;MHHHHHHLEVLFQGPGSSGSELDQLRQEAEQLKNQIRDARKACADATLSQITNNIDPVGRIQMRTRRTLRGHLAKIYAMH
WGTDSRLLVSASQDGKLIIWDSYTTNKVHAIPLRSSWVMTCAYAPSGNYVACGGLDNICSIYNLKTREGNVRVSRELAGH
TGYLSCCRFLDDNQIVTSSGDTTCALWDIETGQQTTTFTGHTGDVMSLSLAPDTRLFVSGACDASAKLWDVREGMCRQTF
TGHESDINAICFFPNGNAFATGSDDATCRLFDLRADQELMTYSHDNIICGITSVSFSKSGRLLLAGYDDFNCNVWDALKA
DRAGVLAGHDNRVSCLGVTDDGMAVATGSWDSFLKIWN
;
B
3 'polypeptide(L)'
;DVQLVESGGGLVQPGGSRKLSCSASGFAFSSFGMHWVRQAPEKGLEWVAYISSGSGTIYYADTVKGRFTISRDDPKNTLF
LQMTSLRSEDTAMYYCVRSIYYYGSSPFDFWGGTTLTVSSGGGGSGGGGSGGGGSDIVMTQATSSVPVTPGESVSISCRS
SKSLLHSNGNTYLYWFLQRPGQSPQLLIYRMSNLASGVPDRFSGSGSGTAFTLTISRLEAEDVGVYYCMQHLEYPLTFGA
GTKLELKLEVLFQ
;
F
4 'polypeptide(L)' MASNNTASIAQARKLVEQLKMEANIDRIKVSKAAADLMAYCEAHAKEDPLLTPVPASENPFREKKFFCAILGSAGSAGSA G
5 'polypeptide(L)'
;MKTIIALSYIFCLVFADYKDDDDKKGEELFTGVVPILVELDGDVNGHKFSVSGEGEGDATYGKLTLKFICTTGKLPVPWP
TLVTTLTYGVQCFSRYPDHMKRHDFFKSAMPEGYVQERTISFKDDGNYKTRAEVKFEGDTLVNRIELKGIDFKEDGNILG
HKLEYNYNSHNVYITADKQKNGIKANFKIRHNIEDGSVQLADHYQQNTPIGDGPVLLPDNHYLSTQSALSKDPNEKRDHM
VLLEFVTAAGITHGMDELYKAAGSGEFLEVLFQGPGAGSDSMSQQNTSGDCLFDGVNELMKTLQFAVHIPTFVLGLLLNL
LAIHGFSTFLKNRWPDYAATSIYMINLAVFDLLLVLSLPFKMVLSQVQSPFPSLCTLVECLYFVSMYGSVFTICFISMDR
FLAIRYPLLVSHLRSPRKIFGICCTIWVLVWTGSIPIYSFHGKVEKYMCFHNMSDDTWSAKVFFPLEVFGFLLPMGIMGF
CCSRSIHILLGRRDHTQDWVQQKACIYSIAASLAVFVVSFLPVHLGFFLQFLVRNSFIVECRAKQSISFFLQLSMCFSNV
NCCLDVFCYYFVIKEFRMNIRAHRPSRVQLVLQDTTISRGAGSGAGSAWSHPQFEKGGGSGGGSGGSAWSHPQFEKGAGS
HHHHHHHHHH
;
R
#
loop_
_chem_comp.id
_chem_comp.type
_chem_comp.name
_chem_comp.formula
A1IKH non-polymer 3-[4-(2,3-dimethylphenyl)piperazin-1-yl]carbonyl-N,N-dimethyl-4-pyrrolidin-1-yl-benzenesulfonamide 'C25 H34 N4 O3 S'
CLR non-polymer CHOLESTEROL 'C27 H46 O'
NAG D-saccharide, beta linking 2-acetamido-2-deoxy-beta-D-glucopyranose 'C8 H15 N O6'
#
# COMPACT_ATOMS: atom_id res chain seq x y z
N VAL A 5 24.14 15.35 -3.81
CA VAL A 5 23.61 14.71 -5.01
C VAL A 5 23.83 15.61 -6.22
N SER A 6 23.90 15.01 -7.40
CA SER A 6 24.17 15.75 -8.62
C SER A 6 22.89 16.36 -9.18
N ALA A 7 23.05 17.13 -10.25
CA ALA A 7 21.90 17.76 -10.90
C ALA A 7 20.93 16.71 -11.45
N GLU A 8 21.46 15.68 -12.09
CA GLU A 8 20.61 14.62 -12.62
C GLU A 8 19.94 13.83 -11.51
N ASP A 9 20.64 13.65 -10.38
CA ASP A 9 20.01 13.02 -9.22
C ASP A 9 18.86 13.87 -8.69
N LYS A 10 19.04 15.19 -8.64
CA LYS A 10 17.98 16.07 -8.20
C LYS A 10 16.77 16.00 -9.14
N ALA A 11 17.03 15.95 -10.45
CA ALA A 11 15.93 15.87 -11.40
C ALA A 11 15.21 14.53 -11.32
N ALA A 12 15.96 13.45 -11.08
CA ALA A 12 15.33 12.15 -10.87
C ALA A 12 14.49 12.15 -9.60
N ALA A 13 14.97 12.81 -8.54
CA ALA A 13 14.17 12.95 -7.33
C ALA A 13 12.90 13.76 -7.59
N GLU A 14 13.00 14.78 -8.45
CA GLU A 14 11.81 15.53 -8.85
C GLU A 14 10.82 14.64 -9.57
N ARG A 15 11.30 13.79 -10.47
CA ARG A 15 10.41 12.88 -11.19
C ARG A 15 9.74 11.91 -10.22
N SER A 16 10.49 11.39 -9.27
CA SER A 16 9.91 10.51 -8.26
C SER A 16 8.86 11.24 -7.42
N LYS A 17 9.11 12.52 -7.11
CA LYS A 17 8.15 13.32 -6.36
C LYS A 17 6.87 13.55 -7.17
N GLU A 18 6.99 13.77 -8.47
CA GLU A 18 5.80 13.92 -9.31
C GLU A 18 5.01 12.62 -9.37
N ILE A 19 5.70 11.49 -9.47
CA ILE A 19 5.02 10.19 -9.41
C ILE A 19 4.31 10.03 -8.06
N ASP A 20 4.96 10.46 -6.98
CA ASP A 20 4.35 10.42 -5.66
C ASP A 20 3.08 11.28 -5.62
N LYS A 21 3.13 12.45 -6.25
CA LYS A 21 1.95 13.33 -6.29
C LYS A 21 0.81 12.65 -7.02
N CYS A 22 1.09 12.01 -8.15
CA CYS A 22 0.05 11.30 -8.87
C CYS A 22 -0.53 10.15 -8.04
N LEU A 23 0.33 9.40 -7.36
CA LEU A 23 -0.15 8.29 -6.53
C LEU A 23 -1.00 8.80 -5.37
N SER A 24 -0.58 9.89 -4.73
CA SER A 24 -1.36 10.45 -3.64
C SER A 24 -2.70 10.97 -4.13
N ARG A 25 -2.73 11.57 -5.32
CA ARG A 25 -3.99 12.02 -5.90
C ARG A 25 -4.92 10.84 -6.14
N GLU A 26 -4.39 9.72 -6.66
CA GLU A 26 -5.23 8.55 -6.89
C GLU A 26 -5.60 7.84 -5.59
N LYS A 27 -4.87 8.08 -4.50
CA LYS A 27 -5.18 7.41 -3.24
C LYS A 27 -6.54 7.80 -2.70
N THR A 28 -6.94 9.07 -2.88
CA THR A 28 -8.22 9.52 -2.38
C THR A 28 -9.37 8.78 -3.04
N TYR A 29 -9.28 8.54 -4.34
CA TYR A 29 -10.36 7.87 -5.06
C TYR A 29 -10.55 6.44 -4.59
N VAL A 30 -9.45 5.69 -4.47
CA VAL A 30 -9.56 4.27 -4.15
C VAL A 30 -10.09 4.06 -2.74
N LYS A 31 -9.95 5.06 -1.87
CA LYS A 31 -10.49 4.95 -0.52
C LYS A 31 -12.01 4.98 -0.53
N ARG A 32 -12.62 5.69 -1.48
CA ARG A 32 -14.06 5.82 -1.58
C ARG A 32 -14.69 4.82 -2.53
N LEU A 33 -13.90 3.91 -3.11
CA LEU A 33 -14.43 2.96 -4.07
C LEU A 33 -15.04 1.76 -3.35
N VAL A 34 -16.21 1.35 -3.80
CA VAL A 34 -16.92 0.19 -3.24
C VAL A 34 -16.84 -0.93 -4.25
N LYS A 35 -16.32 -2.07 -3.82
CA LYS A 35 -16.13 -3.24 -4.68
C LYS A 35 -17.10 -4.34 -4.27
N ILE A 36 -17.86 -4.83 -5.25
CA ILE A 36 -18.84 -5.89 -5.02
C ILE A 36 -18.45 -7.08 -5.90
N LEU A 37 -18.30 -8.24 -5.28
CA LEU A 37 -17.98 -9.47 -6.01
C LEU A 37 -19.28 -10.17 -6.37
N LEU A 38 -19.60 -10.21 -7.66
CA LEU A 38 -20.80 -10.86 -8.15
C LEU A 38 -20.57 -12.36 -8.28
N LEU A 39 -21.44 -13.15 -7.68
CA LEU A 39 -21.31 -14.61 -7.65
C LEU A 39 -22.64 -15.27 -7.99
N GLY A 40 -23.27 -14.83 -9.07
CA GLY A 40 -24.47 -15.47 -9.56
C GLY A 40 -24.18 -16.76 -10.29
N ALA A 41 -25.25 -17.39 -10.76
CA ALA A 41 -25.17 -18.64 -11.50
C ALA A 41 -25.72 -18.44 -12.92
N ASP A 42 -25.65 -19.51 -13.72
CA ASP A 42 -26.13 -19.44 -15.09
C ASP A 42 -27.64 -19.22 -15.14
N ASN A 43 -28.39 -19.89 -14.27
CA ASN A 43 -29.84 -19.74 -14.21
C ASN A 43 -30.29 -18.59 -13.34
N SER A 44 -29.37 -17.92 -12.64
CA SER A 44 -29.73 -16.88 -11.69
C SER A 44 -30.15 -15.58 -12.36
N GLY A 45 -30.00 -15.46 -13.68
CA GLY A 45 -30.31 -14.22 -14.34
C GLY A 45 -29.24 -13.16 -14.21
N LYS A 46 -27.98 -13.57 -14.08
CA LYS A 46 -26.89 -12.61 -13.92
C LYS A 46 -26.76 -11.70 -15.13
N SER A 47 -26.86 -12.26 -16.33
CA SER A 47 -26.68 -11.45 -17.54
C SER A 47 -27.76 -10.39 -17.67
N THR A 48 -29.02 -10.77 -17.44
CA THR A 48 -30.12 -9.82 -17.54
C THR A 48 -30.00 -8.74 -16.47
N PHE A 49 -29.63 -9.13 -15.25
CA PHE A 49 -29.46 -8.15 -14.18
C PHE A 49 -28.35 -7.15 -14.51
N LEU A 50 -27.22 -7.63 -15.01
CA LEU A 50 -26.14 -6.74 -15.39
C LEU A 50 -26.54 -5.83 -16.54
N LYS A 51 -27.26 -6.37 -17.53
CA LYS A 51 -27.71 -5.55 -18.64
C LYS A 51 -28.67 -4.46 -18.19
N GLN A 52 -29.59 -4.81 -17.28
CA GLN A 52 -30.52 -3.81 -16.74
C GLN A 52 -29.77 -2.73 -15.98
N MET A 53 -28.79 -3.12 -15.15
CA MET A 53 -28.01 -2.12 -14.43
C MET A 53 -27.25 -1.21 -15.39
N ARG A 54 -26.65 -1.78 -16.43
CA ARG A 54 -25.93 -0.96 -17.40
C ARG A 54 -26.86 -0.01 -18.14
N ILE A 55 -28.05 -0.47 -18.49
CA ILE A 55 -29.01 0.39 -19.18
C ILE A 55 -29.45 1.52 -18.27
N ILE A 56 -29.77 1.22 -17.01
CA ILE A 56 -30.30 2.24 -16.12
C ILE A 56 -29.22 3.25 -15.75
N HIS A 57 -28.02 2.78 -15.41
CA HIS A 57 -26.95 3.64 -14.90
C HIS A 57 -25.91 3.98 -15.95
N GLY A 58 -26.16 3.68 -17.22
CA GLY A 58 -25.23 4.00 -18.28
C GLY A 58 -23.96 3.16 -18.23
N GLY A 68 -11.17 -14.03 -18.73
CA GLY A 68 -10.62 -13.42 -17.54
C GLY A 68 -11.66 -12.94 -16.56
N ILE A 69 -11.69 -11.63 -16.32
CA ILE A 69 -12.60 -11.02 -15.38
C ILE A 69 -13.32 -9.87 -16.07
N HIS A 70 -14.59 -9.68 -15.69
CA HIS A 70 -15.41 -8.58 -16.20
C HIS A 70 -15.70 -7.61 -15.07
N GLU A 71 -15.57 -6.32 -15.35
CA GLU A 71 -15.75 -5.27 -14.36
C GLU A 71 -16.76 -4.25 -14.88
N TYR A 72 -17.64 -3.80 -14.00
CA TYR A 72 -18.65 -2.80 -14.33
C TYR A 72 -18.56 -1.68 -13.30
N ASP A 73 -18.24 -0.48 -13.76
CA ASP A 73 -18.09 0.68 -12.90
C ASP A 73 -19.28 1.61 -13.09
N PHE A 74 -19.90 2.00 -11.98
CA PHE A 74 -21.03 2.92 -12.01
C PHE A 74 -20.99 3.76 -10.74
N GLU A 75 -21.97 4.65 -10.60
CA GLU A 75 -22.02 5.59 -9.48
C GLU A 75 -23.43 5.68 -8.94
N ILE A 76 -23.57 5.64 -7.62
CA ILE A 76 -24.83 5.83 -6.93
C ILE A 76 -24.61 6.87 -5.83
N LYS A 77 -25.36 7.97 -5.89
CA LYS A 77 -25.23 9.08 -4.93
C LYS A 77 -23.77 9.54 -4.87
N ASN A 78 -23.15 9.65 -6.05
CA ASN A 78 -21.78 10.12 -6.22
C ASN A 78 -20.76 9.21 -5.52
N VAL A 79 -21.12 7.96 -5.27
CA VAL A 79 -20.23 6.97 -4.68
C VAL A 79 -19.78 6.02 -5.77
N PRO A 80 -18.48 5.88 -6.01
CA PRO A 80 -18.01 4.97 -7.08
C PRO A 80 -18.19 3.51 -6.68
N PHE A 81 -18.90 2.75 -7.52
CA PHE A 81 -19.14 1.34 -7.32
C PHE A 81 -18.44 0.54 -8.40
N LYS A 82 -17.92 -0.63 -8.03
CA LYS A 82 -17.23 -1.52 -8.96
C LYS A 82 -17.74 -2.93 -8.74
N MET A 83 -18.48 -3.46 -9.72
CA MET A 83 -18.96 -4.83 -9.68
C MET A 83 -17.99 -5.73 -10.43
N VAL A 84 -17.45 -6.72 -9.74
CA VAL A 84 -16.48 -7.64 -10.30
C VAL A 84 -17.19 -8.94 -10.62
N ASP A 85 -17.25 -9.29 -11.90
CA ASP A 85 -17.87 -10.52 -12.36
C ASP A 85 -16.78 -11.54 -12.67
N VAL A 86 -16.84 -12.70 -12.01
CA VAL A 86 -15.82 -13.73 -12.18
C VAL A 86 -16.45 -14.97 -12.79
N GLY A 87 -17.52 -14.79 -13.57
CA GLY A 87 -18.20 -15.90 -14.21
C GLY A 87 -17.29 -16.70 -15.12
N GLY A 88 -17.33 -18.02 -14.97
CA GLY A 88 -16.47 -18.89 -15.75
C GLY A 88 -15.10 -19.06 -15.14
N GLN A 89 -14.40 -17.95 -14.92
CA GLN A 89 -13.06 -17.96 -14.32
C GLN A 89 -13.18 -17.92 -12.80
N ARG A 90 -13.80 -18.96 -12.24
CA ARG A 90 -14.00 -19.09 -10.79
C ARG A 90 -13.16 -20.26 -10.30
N SER A 91 -12.19 -19.98 -9.45
CA SER A 91 -11.28 -20.99 -8.94
C SER A 91 -11.63 -21.32 -7.49
N GLU A 92 -11.11 -22.47 -7.03
CA GLU A 92 -11.29 -22.90 -5.65
C GLU A 92 -10.02 -22.81 -4.83
N ARG A 93 -8.90 -22.41 -5.42
CA ARG A 93 -7.66 -22.30 -4.68
C ARG A 93 -7.65 -21.04 -3.83
N LYS A 94 -6.75 -21.02 -2.83
CA LYS A 94 -6.68 -19.89 -1.92
C LYS A 94 -6.30 -18.61 -2.64
N ARG A 95 -5.24 -18.67 -3.46
CA ARG A 95 -4.69 -17.45 -4.05
C ARG A 95 -5.73 -16.69 -4.84
N TRP A 96 -6.60 -17.40 -5.57
CA TRP A 96 -7.68 -16.75 -6.29
C TRP A 96 -8.67 -16.08 -5.34
N PHE A 97 -8.98 -16.75 -4.23
CA PHE A 97 -9.99 -16.23 -3.31
C PHE A 97 -9.50 -14.99 -2.58
N GLU A 98 -8.25 -14.99 -2.11
CA GLU A 98 -7.74 -13.84 -1.36
C GLU A 98 -7.57 -12.59 -2.22
N CYS A 99 -7.70 -12.71 -3.54
CA CYS A 99 -7.69 -11.52 -4.39
C CYS A 99 -8.84 -10.59 -4.04
N PHE A 100 -9.98 -11.16 -3.62
CA PHE A 100 -11.19 -10.40 -3.33
C PHE A 100 -11.43 -10.26 -1.83
N ASP A 101 -10.41 -10.46 -1.01
CA ASP A 101 -10.60 -10.37 0.44
C ASP A 101 -10.87 -8.95 0.92
N SER A 102 -10.70 -7.95 0.06
CA SER A 102 -10.91 -6.56 0.43
C SER A 102 -12.12 -5.93 -0.25
N VAL A 103 -12.99 -6.74 -0.86
CA VAL A 103 -14.21 -6.19 -1.44
C VAL A 103 -15.17 -5.80 -0.32
N THR A 104 -16.04 -4.84 -0.61
CA THR A 104 -17.01 -4.40 0.39
C THR A 104 -18.02 -5.48 0.71
N SER A 105 -18.56 -6.13 -0.31
CA SER A 105 -19.59 -7.13 -0.12
C SER A 105 -19.60 -8.07 -1.32
N ILE A 106 -20.32 -9.17 -1.18
CA ILE A 106 -20.52 -10.14 -2.25
C ILE A 106 -22.01 -10.18 -2.57
N LEU A 107 -22.33 -9.97 -3.84
CA LEU A 107 -23.70 -10.03 -4.32
C LEU A 107 -23.96 -11.44 -4.86
N PHE A 108 -24.76 -12.21 -4.15
CA PHE A 108 -25.06 -13.58 -4.51
C PHE A 108 -26.43 -13.62 -5.18
N LEU A 109 -26.46 -14.01 -6.46
CA LEU A 109 -27.70 -14.08 -7.23
C LEU A 109 -28.20 -15.51 -7.26
N VAL A 110 -29.47 -15.70 -6.94
CA VAL A 110 -30.08 -17.02 -6.85
C VAL A 110 -31.40 -17.00 -7.60
N ASP A 111 -31.62 -18.03 -8.42
CA ASP A 111 -32.91 -18.23 -9.07
C ASP A 111 -33.83 -18.94 -8.08
N SER A 112 -34.71 -18.17 -7.44
CA SER A 112 -35.58 -18.72 -6.40
C SER A 112 -36.70 -19.58 -6.96
N SER A 113 -37.02 -19.44 -8.25
CA SER A 113 -38.13 -20.20 -8.83
C SER A 113 -37.76 -21.65 -9.08
N ASP A 114 -36.50 -21.93 -9.40
CA ASP A 114 -36.09 -23.28 -9.81
C ASP A 114 -35.79 -24.09 -8.55
N PHE A 115 -36.82 -24.75 -8.01
CA PHE A 115 -36.68 -25.49 -6.76
C PHE A 115 -35.69 -26.64 -6.90
N ASN A 116 -35.51 -27.17 -8.10
CA ASN A 116 -34.57 -28.28 -8.29
C ASN A 116 -33.14 -27.84 -8.00
N ARG A 117 -32.78 -26.63 -8.41
CA ARG A 117 -31.41 -26.15 -8.30
C ARG A 117 -31.12 -25.40 -7.00
N LEU A 118 -32.09 -25.32 -6.09
CA LEU A 118 -31.86 -24.61 -4.83
C LEU A 118 -30.77 -25.26 -4.00
N THR A 119 -30.74 -26.59 -3.95
CA THR A 119 -29.77 -27.28 -3.12
C THR A 119 -28.34 -26.97 -3.54
N GLU A 120 -28.08 -26.98 -4.86
CA GLU A 120 -26.75 -26.62 -5.35
C GLU A 120 -26.45 -25.15 -5.05
N SER A 121 -27.43 -24.27 -5.22
CA SER A 121 -27.24 -22.87 -4.90
C SER A 121 -26.96 -22.69 -3.41
N LEU A 122 -27.68 -23.42 -2.56
CA LEU A 122 -27.45 -23.31 -1.12
C LEU A 122 -26.07 -23.83 -0.74
N ASN A 123 -25.62 -24.93 -1.37
CA ASN A 123 -24.27 -25.42 -1.08
C ASN A 123 -23.21 -24.42 -1.54
N ASP A 124 -23.40 -23.80 -2.70
CA ASP A 124 -22.47 -22.77 -3.16
C ASP A 124 -22.45 -21.59 -2.21
N PHE A 125 -23.63 -21.17 -1.74
CA PHE A 125 -23.71 -20.08 -0.77
C PHE A 125 -22.97 -20.44 0.52
N GLU A 126 -23.14 -21.68 1.00
CA GLU A 126 -22.43 -22.11 2.19
C GLU A 126 -20.92 -22.07 1.98
N THR A 127 -20.46 -22.53 0.81
CA THR A 127 -19.02 -22.50 0.55
C THR A 127 -18.50 -21.06 0.48
N ILE A 128 -19.29 -20.15 -0.07
CA ILE A 128 -18.84 -18.77 -0.26
C ILE A 128 -18.80 -18.04 1.08
N VAL A 129 -19.92 -18.04 1.82
CA VAL A 129 -20.03 -17.21 3.01
C VAL A 129 -19.29 -17.77 4.21
N ASN A 130 -18.88 -19.04 4.17
CA ASN A 130 -18.14 -19.63 5.27
C ASN A 130 -16.63 -19.62 5.03
N ASN A 131 -16.18 -19.07 3.91
CA ASN A 131 -14.75 -18.94 3.66
C ASN A 131 -14.16 -17.91 4.61
N ARG A 132 -13.04 -18.26 5.25
CA ARG A 132 -12.38 -17.33 6.16
C ARG A 132 -11.86 -16.10 5.44
N VAL A 133 -11.64 -16.19 4.12
CA VAL A 133 -11.23 -15.03 3.36
C VAL A 133 -12.30 -13.94 3.40
N PHE A 134 -13.54 -14.33 3.19
CA PHE A 134 -14.66 -13.39 3.17
C PHE A 134 -15.29 -13.23 4.55
N SER A 135 -14.47 -12.94 5.55
CA SER A 135 -14.95 -12.72 6.91
C SER A 135 -15.27 -11.26 7.19
N ASN A 136 -14.66 -10.34 6.46
CA ASN A 136 -14.89 -8.90 6.65
C ASN A 136 -15.74 -8.31 5.52
N VAL A 137 -16.44 -9.14 4.76
CA VAL A 137 -17.32 -8.67 3.70
C VAL A 137 -18.75 -9.04 4.07
N SER A 138 -19.68 -8.13 3.78
CA SER A 138 -21.09 -8.43 4.00
C SER A 138 -21.64 -9.20 2.80
N ILE A 139 -22.84 -9.75 2.97
CA ILE A 139 -23.47 -10.58 1.96
C ILE A 139 -24.77 -9.91 1.54
N ILE A 140 -24.94 -9.70 0.24
CA ILE A 140 -26.18 -9.22 -0.33
C ILE A 140 -26.77 -10.35 -1.16
N LEU A 141 -27.90 -10.88 -0.72
CA LEU A 141 -28.55 -12.00 -1.37
C LEU A 141 -29.70 -11.50 -2.23
N PHE A 142 -29.67 -11.81 -3.52
CA PHE A 142 -30.71 -11.41 -4.45
C PHE A 142 -31.41 -12.68 -4.92
N LEU A 143 -32.67 -12.84 -4.55
CA LEU A 143 -33.47 -13.98 -4.98
C LEU A 143 -34.27 -13.53 -6.20
N ASN A 144 -33.71 -13.79 -7.38
CA ASN A 144 -34.27 -13.29 -8.63
C ASN A 144 -35.47 -14.11 -9.07
N LYS A 145 -36.17 -13.59 -10.08
CA LYS A 145 -37.32 -14.25 -10.68
C LYS A 145 -38.40 -14.53 -9.63
N THR A 146 -38.76 -13.49 -8.89
CA THR A 146 -39.79 -13.64 -7.86
C THR A 146 -41.17 -13.80 -8.48
N ASP A 147 -41.39 -13.26 -9.69
CA ASP A 147 -42.65 -13.49 -10.37
C ASP A 147 -42.80 -14.94 -10.78
N LEU A 148 -41.72 -15.55 -11.30
CA LEU A 148 -41.75 -16.98 -11.57
C LEU A 148 -41.94 -17.77 -10.29
N LEU A 149 -41.38 -17.30 -9.18
CA LEU A 149 -41.57 -17.98 -7.90
C LEU A 149 -43.03 -17.97 -7.47
N GLU A 150 -43.69 -16.82 -7.60
CA GLU A 150 -45.08 -16.73 -7.17
C GLU A 150 -46.03 -17.41 -8.15
N GLU A 151 -45.62 -17.58 -9.41
CA GLU A 151 -46.40 -18.39 -10.33
C GLU A 151 -46.19 -19.89 -10.09
N LYS A 152 -45.00 -20.30 -9.67
CA LYS A 152 -44.69 -21.70 -9.45
C LYS A 152 -45.13 -22.22 -8.10
N VAL A 153 -45.25 -21.35 -7.10
CA VAL A 153 -45.59 -21.80 -5.74
C VAL A 153 -46.98 -22.44 -5.73
N GLN A 154 -47.91 -21.89 -6.51
CA GLN A 154 -49.26 -22.43 -6.53
C GLN A 154 -49.29 -23.83 -7.16
N ILE A 155 -48.58 -24.01 -8.27
CA ILE A 155 -48.64 -25.27 -8.99
C ILE A 155 -47.88 -26.37 -8.26
N VAL A 156 -46.68 -26.07 -7.78
CA VAL A 156 -45.77 -27.06 -7.21
C VAL A 156 -45.63 -26.81 -5.73
N SER A 157 -45.75 -27.87 -4.93
CA SER A 157 -45.59 -27.77 -3.48
C SER A 157 -44.10 -27.74 -3.12
N ILE A 158 -43.76 -26.88 -2.17
CA ILE A 158 -42.37 -26.75 -1.73
C ILE A 158 -41.93 -27.98 -0.95
N LYS A 159 -42.84 -28.60 -0.20
CA LYS A 159 -42.49 -29.74 0.63
C LYS A 159 -41.91 -30.91 -0.17
N ASP A 160 -42.17 -30.96 -1.47
CA ASP A 160 -41.64 -32.05 -2.28
C ASP A 160 -40.11 -32.05 -2.28
N TYR A 161 -39.51 -30.86 -2.39
CA TYR A 161 -38.06 -30.74 -2.42
C TYR A 161 -37.45 -30.46 -1.05
N PHE A 162 -38.24 -29.95 -0.11
CA PHE A 162 -37.74 -29.64 1.24
C PHE A 162 -38.78 -30.13 2.25
N LEU A 163 -38.52 -31.31 2.83
CA LEU A 163 -39.40 -31.85 3.85
C LEU A 163 -39.38 -31.03 5.12
N GLU A 164 -38.33 -30.23 5.34
CA GLU A 164 -38.22 -29.41 6.53
C GLU A 164 -39.08 -28.16 6.49
N PHE A 165 -39.69 -27.86 5.34
CA PHE A 165 -40.54 -26.68 5.24
C PHE A 165 -41.81 -26.87 6.06
N GLU A 166 -42.17 -25.83 6.81
CA GLU A 166 -43.37 -25.84 7.64
C GLU A 166 -44.21 -24.62 7.30
N GLY A 167 -45.47 -24.85 6.95
CA GLY A 167 -46.39 -23.79 6.61
C GLY A 167 -47.22 -24.19 5.41
N ASP A 168 -48.00 -23.23 4.92
CA ASP A 168 -48.85 -23.48 3.76
C ASP A 168 -48.00 -23.59 2.51
N PRO A 169 -48.06 -24.69 1.76
CA PRO A 169 -47.23 -24.81 0.55
C PRO A 169 -47.50 -23.74 -0.48
N HIS A 170 -48.73 -23.28 -0.60
CA HIS A 170 -49.11 -22.30 -1.62
C HIS A 170 -49.02 -20.86 -1.13
N CYS A 171 -48.59 -20.64 0.11
CA CYS A 171 -48.44 -19.28 0.63
C CYS A 171 -47.08 -18.73 0.21
N LEU A 172 -47.11 -17.63 -0.56
CA LEU A 172 -45.87 -17.05 -1.06
C LEU A 172 -44.99 -16.55 0.09
N ARG A 173 -45.60 -15.93 1.10
CA ARG A 173 -44.83 -15.39 2.21
C ARG A 173 -44.11 -16.49 2.97
N ASP A 174 -44.79 -17.62 3.19
CA ASP A 174 -44.15 -18.74 3.88
C ASP A 174 -42.96 -19.27 3.10
N VAL A 175 -43.10 -19.38 1.78
CA VAL A 175 -42.01 -19.87 0.94
C VAL A 175 -40.84 -18.91 0.97
N GLN A 176 -41.11 -17.61 0.87
CA GLN A 176 -40.04 -16.62 0.91
C GLN A 176 -39.32 -16.63 2.25
N LYS A 177 -40.07 -16.74 3.34
CA LYS A 177 -39.46 -16.82 4.66
C LYS A 177 -38.61 -18.08 4.79
N PHE A 178 -39.09 -19.21 4.27
CA PHE A 178 -38.32 -20.44 4.32
C PHE A 178 -37.02 -20.31 3.54
N LEU A 179 -37.08 -19.71 2.35
CA LEU A 179 -35.87 -19.54 1.55
C LEU A 179 -34.87 -18.64 2.27
N VAL A 180 -35.35 -17.53 2.82
CA VAL A 180 -34.46 -16.62 3.53
C VAL A 180 -33.83 -17.30 4.74
N GLU A 181 -34.62 -18.11 5.46
CA GLU A 181 -34.08 -18.79 6.64
C GLU A 181 -33.06 -19.85 6.27
N CYS A 182 -33.31 -20.61 5.19
CA CYS A 182 -32.31 -21.58 4.75
C CYS A 182 -31.03 -20.91 4.31
N PHE A 183 -31.14 -19.76 3.63
CA PHE A 183 -29.92 -19.06 3.21
C PHE A 183 -29.17 -18.48 4.40
N ARG A 184 -29.90 -17.89 5.36
CA ARG A 184 -29.25 -17.29 6.52
C ARG A 184 -28.67 -18.35 7.45
N ASN A 185 -29.24 -19.55 7.48
CA ASN A 185 -28.77 -20.59 8.39
C ASN A 185 -27.46 -21.19 7.93
N LYS A 186 -27.14 -21.08 6.63
CA LYS A 186 -25.86 -21.57 6.13
C LYS A 186 -24.69 -20.80 6.71
N ARG A 187 -24.91 -19.57 7.15
CA ARG A 187 -23.86 -18.73 7.72
C ARG A 187 -23.55 -19.23 9.12
N ARG A 188 -22.47 -20.00 9.27
CA ARG A 188 -22.12 -20.59 10.55
C ARG A 188 -21.81 -19.51 11.59
N ASP A 189 -21.02 -18.51 11.20
CA ASP A 189 -20.67 -17.39 12.07
C ASP A 189 -21.52 -16.19 11.68
N GLN A 190 -22.45 -15.80 12.57
CA GLN A 190 -23.38 -14.73 12.26
C GLN A 190 -22.97 -13.39 12.86
N GLN A 191 -22.17 -13.38 13.92
CA GLN A 191 -21.77 -12.12 14.54
C GLN A 191 -20.45 -11.59 13.98
N GLN A 192 -20.34 -11.54 12.65
CA GLN A 192 -19.20 -10.91 12.01
C GLN A 192 -19.59 -9.75 11.11
N LYS A 193 -20.51 -9.98 10.16
CA LYS A 193 -20.93 -8.96 9.23
C LYS A 193 -22.39 -9.19 8.89
N PRO A 194 -23.14 -8.15 8.53
CA PRO A 194 -24.57 -8.33 8.25
C PRO A 194 -24.80 -9.10 6.95
N LEU A 195 -25.97 -9.72 6.87
CA LEU A 195 -26.42 -10.40 5.67
C LEU A 195 -27.73 -9.75 5.22
N TYR A 196 -27.83 -9.44 3.94
CA TYR A 196 -29.01 -8.79 3.38
C TYR A 196 -29.59 -9.66 2.28
N HIS A 197 -30.93 -9.73 2.25
CA HIS A 197 -31.65 -10.53 1.26
C HIS A 197 -32.73 -9.67 0.63
N HIS A 198 -32.93 -9.84 -0.67
CA HIS A 198 -33.95 -9.11 -1.40
C HIS A 198 -34.64 -10.05 -2.39
N PHE A 199 -35.96 -9.95 -2.46
CA PHE A 199 -36.76 -10.66 -3.45
C PHE A 199 -37.11 -9.67 -4.55
N THR A 200 -36.54 -9.87 -5.73
CA THR A 200 -36.72 -8.93 -6.82
C THR A 200 -36.59 -9.68 -8.14
N THR A 201 -36.56 -8.93 -9.23
CA THR A 201 -36.36 -9.48 -10.57
C THR A 201 -35.24 -8.71 -11.25
N ALA A 202 -34.66 -9.32 -12.29
CA ALA A 202 -33.60 -8.65 -13.04
C ALA A 202 -34.12 -7.38 -13.70
N ILE A 203 -35.34 -7.42 -14.23
CA ILE A 203 -35.92 -6.26 -14.91
C ILE A 203 -36.26 -5.14 -13.93
N ASN A 204 -36.26 -5.41 -12.63
CA ASN A 204 -36.59 -4.39 -11.64
C ASN A 204 -35.54 -3.28 -11.68
N THR A 205 -36.00 -2.04 -11.56
CA THR A 205 -35.15 -0.87 -11.65
C THR A 205 -34.70 -0.33 -10.29
N GLU A 206 -35.08 -0.98 -9.20
CA GLU A 206 -34.73 -0.54 -7.86
C GLU A 206 -33.56 -1.32 -7.27
N ASN A 207 -32.90 -2.15 -8.07
CA ASN A 207 -31.81 -2.97 -7.54
C ASN A 207 -30.64 -2.12 -7.07
N ALA A 208 -30.31 -1.06 -7.81
CA ALA A 208 -29.19 -0.21 -7.44
C ALA A 208 -29.42 0.47 -6.09
N ARG A 209 -30.65 0.92 -5.85
CA ARG A 209 -30.96 1.56 -4.57
C ARG A 209 -30.81 0.57 -3.42
N LEU A 210 -31.27 -0.67 -3.61
CA LEU A 210 -31.12 -1.69 -2.57
C LEU A 210 -29.65 -2.00 -2.31
N ILE A 211 -28.85 -2.12 -3.38
CA ILE A 211 -27.43 -2.38 -3.22
C ILE A 211 -26.76 -1.24 -2.46
N PHE A 212 -27.09 0.00 -2.81
CA PHE A 212 -26.51 1.14 -2.12
C PHE A 212 -26.91 1.17 -0.65
N ARG A 213 -28.17 0.84 -0.36
CA ARG A 213 -28.62 0.79 1.03
C ARG A 213 -27.84 -0.25 1.82
N ASP A 214 -27.63 -1.43 1.22
CA ASP A 214 -26.87 -2.47 1.90
C ASP A 214 -25.42 -2.06 2.13
N VAL A 215 -24.82 -1.41 1.14
CA VAL A 215 -23.44 -0.96 1.28
C VAL A 215 -23.32 0.13 2.34
N LYS A 216 -24.31 1.03 2.40
CA LYS A 216 -24.34 2.04 3.44
C LYS A 216 -24.46 1.42 4.82
N ASP A 217 -25.29 0.38 4.96
CA ASP A 217 -25.40 -0.30 6.24
C ASP A 217 -24.11 -1.02 6.60
N THR A 218 -23.43 -1.62 5.62
CA THR A 218 -22.14 -2.25 5.89
C THR A 218 -21.12 -1.23 6.38
N ILE A 219 -21.10 -0.05 5.76
CA ILE A 219 -20.17 0.99 6.18
C ILE A 219 -20.53 1.53 7.57
N LEU A 220 -21.83 1.62 7.85
CA LEU A 220 -22.26 1.98 9.21
C LEU A 220 -21.78 0.95 10.23
N HIS A 221 -21.85 -0.33 9.87
CA HIS A 221 -21.36 -1.39 10.75
C HIS A 221 -19.86 -1.23 10.99
N ASP A 222 -19.10 -0.93 9.94
CA ASP A 222 -17.67 -0.66 10.10
C ASP A 222 -17.42 0.52 11.03
N ASN A 223 -18.20 1.60 10.86
CA ASN A 223 -18.05 2.77 11.70
C ASN A 223 -18.36 2.46 13.16
N LEU A 224 -19.39 1.63 13.39
CA LEU A 224 -19.71 1.21 14.75
C LEU A 224 -18.59 0.41 15.36
N LYS A 225 -17.98 -0.48 14.57
CA LYS A 225 -16.83 -1.23 15.08
C LYS A 225 -15.67 -0.32 15.42
N GLN A 226 -15.45 0.72 14.61
CA GLN A 226 -14.36 1.65 14.88
C GLN A 226 -14.56 2.42 16.19
N LEU A 227 -15.82 2.70 16.55
CA LEU A 227 -16.11 3.48 17.75
C LEU A 227 -15.92 2.69 19.04
N MET A 228 -15.71 1.38 18.95
CA MET A 228 -15.52 0.51 20.13
C MET A 228 -16.68 0.66 21.11
N LEU A 229 -17.90 0.69 20.58
CA LEU A 229 -19.08 0.89 21.41
C LEU A 229 -19.48 -0.35 22.20
N GLN A 230 -18.88 -1.49 21.91
CA GLN A 230 -19.16 -2.71 22.69
C GLN A 230 -17.93 -3.61 22.71
N GLU B 21 -8.13 -53.34 -20.50
CA GLU B 21 -6.94 -52.64 -20.95
C GLU B 21 -6.62 -51.45 -20.04
N LEU B 22 -7.67 -50.76 -19.58
CA LEU B 22 -7.47 -49.64 -18.66
C LEU B 22 -6.90 -50.11 -17.33
N ASP B 23 -7.37 -51.24 -16.82
CA ASP B 23 -6.83 -51.80 -15.59
C ASP B 23 -5.36 -52.18 -15.77
N GLN B 24 -5.02 -52.75 -16.93
CA GLN B 24 -3.62 -53.09 -17.19
C GLN B 24 -2.76 -51.84 -17.23
N LEU B 25 -3.26 -50.76 -17.84
CA LEU B 25 -2.49 -49.51 -17.87
C LEU B 25 -2.32 -48.94 -16.47
N ARG B 26 -3.37 -49.00 -15.64
CA ARG B 26 -3.25 -48.52 -14.27
C ARG B 26 -2.23 -49.34 -13.49
N GLN B 27 -2.25 -50.67 -13.67
CA GLN B 27 -1.27 -51.51 -13.01
C GLN B 27 0.14 -51.21 -13.47
N GLU B 28 0.33 -50.98 -14.77
CA GLU B 28 1.64 -50.62 -15.30
C GLU B 28 2.11 -49.29 -14.71
N ALA B 29 1.21 -48.31 -14.59
CA ALA B 29 1.58 -47.03 -14.00
C ALA B 29 1.97 -47.19 -12.54
N GLU B 30 1.22 -48.00 -11.79
CA GLU B 30 1.56 -48.24 -10.38
C GLU B 30 2.91 -48.93 -10.25
N GLN B 31 3.17 -49.91 -11.12
CA GLN B 31 4.45 -50.61 -11.09
C GLN B 31 5.60 -49.67 -11.43
N LEU B 32 5.39 -48.78 -12.40
CA LEU B 32 6.43 -47.81 -12.74
C LEU B 32 6.69 -46.84 -11.59
N LYS B 33 5.63 -46.40 -10.91
CA LYS B 33 5.81 -45.54 -9.75
C LYS B 33 6.58 -46.27 -8.65
N ASN B 34 6.25 -47.54 -8.41
CA ASN B 34 6.96 -48.32 -7.40
C ASN B 34 8.42 -48.50 -7.76
N GLN B 35 8.70 -48.74 -9.05
CA GLN B 35 10.09 -48.90 -9.48
C GLN B 35 10.88 -47.61 -9.35
N ILE B 36 10.25 -46.47 -9.68
CA ILE B 36 10.91 -45.18 -9.50
C ILE B 36 11.20 -44.94 -8.02
N ARG B 37 10.24 -45.23 -7.15
CA ARG B 37 10.45 -45.05 -5.72
C ARG B 37 11.56 -45.96 -5.21
N ASP B 38 11.62 -47.20 -5.69
CA ASP B 38 12.67 -48.12 -5.29
C ASP B 38 14.04 -47.63 -5.75
N ALA B 39 14.12 -47.11 -6.97
CA ALA B 39 15.39 -46.56 -7.46
C ALA B 39 15.82 -45.35 -6.63
N ARG B 40 14.87 -44.48 -6.29
CA ARG B 40 15.19 -43.32 -5.46
C ARG B 40 15.67 -43.76 -4.07
N LYS B 41 15.02 -44.77 -3.49
CA LYS B 41 15.45 -45.27 -2.19
C LYS B 41 16.84 -45.89 -2.28
N ALA B 42 17.12 -46.63 -3.36
CA ALA B 42 18.43 -47.22 -3.53
C ALA B 42 19.51 -46.15 -3.64
N CYS B 43 19.22 -45.07 -4.37
CA CYS B 43 20.17 -43.98 -4.48
C CYS B 43 20.33 -43.18 -3.19
N ALA B 44 19.45 -43.38 -2.21
CA ALA B 44 19.53 -42.68 -0.93
C ALA B 44 20.34 -43.55 0.03
N ASP B 45 21.52 -43.06 0.41
CA ASP B 45 22.41 -43.84 1.27
C ASP B 45 22.78 -43.05 2.53
N ALA B 46 22.85 -41.72 2.41
CA ALA B 46 23.25 -40.87 3.52
C ALA B 46 22.58 -39.50 3.38
N THR B 47 21.98 -39.03 4.45
CA THR B 47 21.20 -37.81 4.43
C THR B 47 22.08 -36.57 4.37
N LEU B 48 21.51 -35.49 3.83
CA LEU B 48 22.23 -34.21 3.78
C LEU B 48 22.57 -33.71 5.17
N SER B 49 21.68 -33.93 6.14
CA SER B 49 21.95 -33.49 7.50
C SER B 49 23.16 -34.21 8.08
N GLN B 50 23.26 -35.53 7.83
CA GLN B 50 24.43 -36.28 8.28
C GLN B 50 25.70 -35.78 7.62
N ILE B 51 25.64 -35.52 6.31
CA ILE B 51 26.82 -35.07 5.57
C ILE B 51 27.28 -33.70 6.03
N THR B 52 26.34 -32.82 6.40
CA THR B 52 26.66 -31.46 6.80
C THR B 52 26.75 -31.31 8.33
N ASN B 53 26.73 -32.41 9.06
CA ASN B 53 26.72 -32.33 10.52
C ASN B 53 27.98 -31.69 11.07
N ASN B 54 29.14 -32.03 10.50
CA ASN B 54 30.41 -31.52 11.02
C ASN B 54 30.64 -30.05 10.70
N ILE B 55 29.87 -29.47 9.77
CA ILE B 55 30.09 -28.08 9.38
C ILE B 55 29.63 -27.15 10.49
N ASP B 56 30.41 -26.10 10.73
CA ASP B 56 30.07 -25.14 11.76
C ASP B 56 28.80 -24.38 11.38
N PRO B 57 27.99 -24.00 12.37
CA PRO B 57 26.74 -23.28 12.07
C PRO B 57 27.02 -21.92 11.46
N VAL B 58 26.07 -21.46 10.64
CA VAL B 58 26.16 -20.13 10.06
C VAL B 58 26.18 -19.06 11.15
N GLY B 59 25.44 -19.28 12.22
CA GLY B 59 25.30 -18.31 13.28
C GLY B 59 24.10 -17.40 13.05
N ARG B 60 23.75 -16.66 14.10
CA ARG B 60 22.60 -15.77 14.03
C ARG B 60 22.86 -14.67 13.01
N ILE B 61 21.89 -14.43 12.14
CA ILE B 61 21.99 -13.43 11.09
C ILE B 61 20.94 -12.36 11.36
N GLN B 62 21.39 -11.10 11.41
CA GLN B 62 20.53 -9.97 11.76
C GLN B 62 20.59 -8.96 10.61
N MET B 63 19.68 -9.09 9.66
CA MET B 63 19.52 -8.11 8.60
C MET B 63 18.59 -6.99 9.07
N ARG B 64 18.84 -5.78 8.58
CA ARG B 64 18.05 -4.62 8.94
C ARG B 64 17.44 -4.00 7.70
N THR B 65 16.30 -3.35 7.87
CA THR B 65 15.62 -2.66 6.78
C THR B 65 16.45 -1.45 6.37
N ARG B 66 17.15 -1.58 5.25
CA ARG B 66 17.96 -0.46 4.75
C ARG B 66 17.09 0.58 4.06
N ARG B 67 16.06 0.15 3.34
CA ARG B 67 15.18 1.07 2.64
C ARG B 67 13.74 0.58 2.76
N THR B 68 12.80 1.52 2.73
CA THR B 68 11.39 1.22 2.66
C THR B 68 10.80 1.91 1.44
N LEU B 69 10.32 1.12 0.49
CA LEU B 69 9.74 1.63 -0.74
C LEU B 69 8.24 1.77 -0.55
N ARG B 70 7.78 3.02 -0.49
CA ARG B 70 6.37 3.34 -0.28
C ARG B 70 5.80 4.02 -1.51
N GLY B 71 4.49 3.86 -1.70
CA GLY B 71 3.82 4.48 -2.82
C GLY B 71 2.72 3.64 -3.42
N HIS B 72 2.75 2.33 -3.17
CA HIS B 72 1.67 1.47 -3.62
C HIS B 72 0.42 1.69 -2.76
N LEU B 73 -0.74 1.56 -3.40
CA LEU B 73 -2.01 1.86 -2.76
C LEU B 73 -2.77 0.62 -2.31
N ALA B 74 -2.19 -0.57 -2.45
CA ALA B 74 -2.86 -1.80 -2.09
C ALA B 74 -1.80 -2.88 -1.87
N LYS B 75 -2.24 -4.11 -1.67
CA LYS B 75 -1.34 -5.21 -1.39
C LYS B 75 -0.39 -5.45 -2.55
N ILE B 76 0.88 -5.66 -2.24
CA ILE B 76 1.89 -6.01 -3.22
C ILE B 76 1.87 -7.52 -3.42
N TYR B 77 1.76 -7.95 -4.67
CA TYR B 77 1.69 -9.37 -4.99
C TYR B 77 2.98 -9.95 -5.52
N ALA B 78 3.80 -9.15 -6.22
CA ALA B 78 4.99 -9.67 -6.84
C ALA B 78 6.06 -8.60 -6.92
N MET B 79 7.31 -9.04 -6.98
CA MET B 79 8.45 -8.18 -7.23
C MET B 79 9.53 -8.98 -7.93
N HIS B 80 10.31 -8.31 -8.76
CA HIS B 80 11.44 -8.94 -9.45
C HIS B 80 12.59 -7.96 -9.54
N TRP B 81 13.77 -8.41 -9.11
CA TRP B 81 14.98 -7.61 -9.24
C TRP B 81 15.44 -7.54 -10.69
N GLY B 82 15.98 -6.39 -11.08
CA GLY B 82 16.70 -6.31 -12.33
C GLY B 82 18.08 -6.95 -12.22
N THR B 83 18.67 -7.23 -13.38
CA THR B 83 19.98 -7.87 -13.39
C THR B 83 21.10 -6.94 -12.95
N ASP B 84 20.85 -5.64 -12.88
CA ASP B 84 21.84 -4.68 -12.41
C ASP B 84 21.88 -4.58 -10.89
N SER B 85 21.02 -5.32 -10.19
CA SER B 85 20.95 -5.35 -8.72
C SER B 85 20.60 -3.99 -8.13
N ARG B 86 20.04 -3.09 -8.92
CA ARG B 86 19.64 -1.78 -8.43
C ARG B 86 18.20 -1.44 -8.77
N LEU B 87 17.70 -1.87 -9.93
CA LEU B 87 16.32 -1.63 -10.32
C LEU B 87 15.47 -2.84 -10.00
N LEU B 88 14.24 -2.58 -9.54
CA LEU B 88 13.29 -3.65 -9.28
C LEU B 88 11.90 -3.18 -9.70
N VAL B 89 11.08 -4.14 -10.10
CA VAL B 89 9.69 -3.89 -10.47
C VAL B 89 8.79 -4.55 -9.45
N SER B 90 7.66 -3.92 -9.15
CA SER B 90 6.71 -4.44 -8.19
C SER B 90 5.30 -4.37 -8.76
N ALA B 91 4.48 -5.35 -8.39
CA ALA B 91 3.09 -5.44 -8.82
C ALA B 91 2.18 -5.37 -7.61
N SER B 92 1.15 -4.52 -7.68
CA SER B 92 0.24 -4.32 -6.57
C SER B 92 -1.20 -4.34 -7.07
N GLN B 93 -2.11 -4.62 -6.14
CA GLN B 93 -3.52 -4.82 -6.47
C GLN B 93 -4.23 -3.54 -6.93
N ASP B 94 -3.61 -2.37 -6.78
CA ASP B 94 -4.19 -1.14 -7.29
C ASP B 94 -3.96 -0.98 -8.80
N GLY B 95 -3.61 -2.04 -9.50
CA GLY B 95 -3.39 -1.98 -10.94
C GLY B 95 -2.23 -1.10 -11.34
N LYS B 96 -1.13 -1.17 -10.61
CA LYS B 96 0.02 -0.32 -10.84
C LYS B 96 1.28 -1.16 -10.85
N LEU B 97 2.12 -0.94 -11.86
CA LEU B 97 3.47 -1.46 -11.91
C LEU B 97 4.43 -0.31 -11.64
N ILE B 98 5.28 -0.47 -10.63
CA ILE B 98 6.22 0.57 -10.23
C ILE B 98 7.64 0.03 -10.32
N ILE B 99 8.51 0.76 -11.00
CA ILE B 99 9.93 0.45 -11.07
C ILE B 99 10.65 1.41 -10.14
N TRP B 100 11.48 0.86 -9.24
CA TRP B 100 12.16 1.64 -8.23
C TRP B 100 13.66 1.65 -8.45
N ASP B 101 14.28 2.76 -8.05
CA ASP B 101 15.72 2.81 -7.85
C ASP B 101 15.99 2.45 -6.39
N SER B 102 16.45 1.23 -6.15
CA SER B 102 16.58 0.75 -4.78
C SER B 102 17.64 1.51 -3.99
N TYR B 103 18.67 2.00 -4.67
CA TYR B 103 19.72 2.74 -3.97
C TYR B 103 19.20 4.04 -3.39
N THR B 104 18.39 4.77 -4.16
CA THR B 104 17.94 6.11 -3.77
C THR B 104 16.46 6.16 -3.39
N THR B 105 15.75 5.03 -3.47
CA THR B 105 14.31 4.91 -3.19
C THR B 105 13.49 5.58 -4.29
N ASN B 106 14.12 6.26 -5.25
CA ASN B 106 13.41 6.99 -6.29
C ASN B 106 12.55 6.06 -7.14
N LYS B 107 11.41 6.59 -7.57
CA LYS B 107 10.50 5.87 -8.47
C LYS B 107 10.88 6.20 -9.90
N VAL B 108 11.34 5.19 -10.64
CA VAL B 108 11.72 5.42 -12.03
C VAL B 108 10.50 5.47 -12.93
N HIS B 109 9.59 4.51 -12.76
CA HIS B 109 8.42 4.40 -13.62
C HIS B 109 7.22 3.96 -12.80
N ALA B 110 6.04 4.43 -13.20
CA ALA B 110 4.78 4.02 -12.61
C ALA B 110 3.84 3.65 -13.76
N ILE B 111 3.63 2.35 -13.96
CA ILE B 111 2.94 1.85 -15.14
C ILE B 111 1.52 1.46 -14.73
N PRO B 112 0.49 2.17 -15.17
CA PRO B 112 -0.89 1.71 -14.93
C PRO B 112 -1.20 0.49 -15.77
N LEU B 113 -2.07 -0.36 -15.22
CA LEU B 113 -2.44 -1.62 -15.86
C LEU B 113 -3.91 -1.60 -16.25
N ARG B 114 -4.21 -2.24 -17.38
CA ARG B 114 -5.61 -2.33 -17.82
C ARG B 114 -6.44 -3.17 -16.86
N SER B 115 -5.88 -4.27 -16.37
CA SER B 115 -6.53 -5.11 -15.37
C SER B 115 -5.81 -4.95 -14.04
N SER B 116 -6.57 -4.66 -12.99
CA SER B 116 -5.99 -4.40 -11.69
C SER B 116 -5.67 -5.66 -10.90
N TRP B 117 -6.12 -6.82 -11.36
CA TRP B 117 -5.94 -8.07 -10.63
C TRP B 117 -4.65 -8.78 -11.01
N VAL B 118 -3.54 -8.06 -10.89
CA VAL B 118 -2.22 -8.59 -11.21
C VAL B 118 -1.80 -9.58 -10.13
N MET B 119 -1.07 -10.61 -10.54
CA MET B 119 -0.55 -11.59 -9.60
C MET B 119 0.93 -11.90 -9.81
N THR B 120 1.54 -11.41 -10.89
CA THR B 120 2.94 -11.68 -11.15
C THR B 120 3.54 -10.54 -11.96
N CYS B 121 4.85 -10.40 -11.87
CA CYS B 121 5.59 -9.45 -12.68
C CYS B 121 6.98 -9.99 -12.92
N ALA B 122 7.63 -9.48 -13.96
CA ALA B 122 8.97 -9.92 -14.30
C ALA B 122 9.77 -8.75 -14.87
N TYR B 123 11.09 -8.86 -14.77
CA TYR B 123 12.01 -7.90 -15.33
C TYR B 123 12.87 -8.61 -16.37
N ALA B 124 12.94 -8.08 -17.57
CA ALA B 124 13.78 -8.66 -18.59
C ALA B 124 15.25 -8.52 -18.20
N PRO B 125 16.08 -9.52 -18.50
CA PRO B 125 17.51 -9.41 -18.13
C PRO B 125 18.21 -8.22 -18.75
N SER B 126 17.79 -7.80 -19.95
CA SER B 126 18.40 -6.64 -20.57
C SER B 126 17.91 -5.33 -19.95
N GLY B 127 16.82 -5.36 -19.20
CA GLY B 127 16.25 -4.15 -18.64
C GLY B 127 15.37 -3.36 -19.58
N ASN B 128 15.10 -3.88 -20.77
CA ASN B 128 14.29 -3.18 -21.76
C ASN B 128 12.79 -3.43 -21.61
N TYR B 129 12.40 -4.49 -20.92
CA TYR B 129 11.01 -4.87 -20.84
C TYR B 129 10.67 -5.35 -19.44
N VAL B 130 9.38 -5.27 -19.10
CA VAL B 130 8.83 -5.88 -17.91
C VAL B 130 7.58 -6.65 -18.30
N ALA B 131 7.26 -7.67 -17.50
CA ALA B 131 6.12 -8.53 -17.78
C ALA B 131 5.09 -8.40 -16.68
N CYS B 132 3.83 -8.62 -17.04
CA CYS B 132 2.71 -8.47 -16.13
C CYS B 132 1.65 -9.51 -16.45
N GLY B 133 0.86 -9.87 -15.45
CA GLY B 133 -0.20 -10.84 -15.67
C GLY B 133 -0.96 -11.11 -14.38
N GLY B 134 -2.13 -11.69 -14.56
CA GLY B 134 -3.00 -11.98 -13.43
C GLY B 134 -4.28 -12.69 -13.81
N LEU B 135 -5.41 -12.21 -13.27
CA LEU B 135 -6.70 -12.86 -13.49
C LEU B 135 -7.23 -12.65 -14.89
N ASP B 136 -6.61 -11.78 -15.69
CA ASP B 136 -7.04 -11.56 -17.07
C ASP B 136 -6.55 -12.64 -18.01
N ASN B 137 -5.74 -13.59 -17.53
CA ASN B 137 -5.19 -14.70 -18.32
C ASN B 137 -4.25 -14.23 -19.42
N ILE B 138 -3.70 -13.02 -19.30
CA ILE B 138 -2.85 -12.44 -20.33
C ILE B 138 -1.53 -12.03 -19.72
N CYS B 139 -0.44 -12.39 -20.39
CA CYS B 139 0.89 -11.91 -20.04
C CYS B 139 1.19 -10.68 -20.89
N SER B 140 1.25 -9.51 -20.25
CA SER B 140 1.48 -8.26 -20.95
C SER B 140 2.96 -7.88 -20.88
N ILE B 141 3.51 -7.49 -22.03
CA ILE B 141 4.91 -7.07 -22.13
C ILE B 141 4.93 -5.56 -22.30
N TYR B 142 5.67 -4.88 -21.43
CA TYR B 142 5.77 -3.42 -21.46
C TYR B 142 7.18 -3.01 -21.89
N ASN B 143 7.25 -2.12 -22.88
CA ASN B 143 8.51 -1.61 -23.37
C ASN B 143 8.93 -0.41 -22.53
N LEU B 144 10.14 -0.45 -21.98
CA LEU B 144 10.63 0.61 -21.11
C LEU B 144 11.49 1.64 -21.84
N LYS B 145 12.05 1.29 -22.99
CA LYS B 145 12.93 2.19 -23.74
C LYS B 145 12.21 2.53 -25.05
N THR B 146 11.39 3.56 -25.01
CA THR B 146 10.67 4.04 -26.18
C THR B 146 11.12 5.45 -26.52
N ARG B 147 11.07 5.77 -27.81
CA ARG B 147 11.45 7.11 -28.26
C ARG B 147 10.50 8.18 -27.74
N GLU B 148 9.29 7.81 -27.35
CA GLU B 148 8.32 8.77 -26.85
C GLU B 148 8.54 9.12 -25.38
N GLY B 149 9.37 8.36 -24.67
CA GLY B 149 9.65 8.66 -23.29
C GLY B 149 8.64 8.12 -22.30
N ASN B 150 7.71 7.29 -22.73
CA ASN B 150 6.71 6.70 -21.85
C ASN B 150 6.74 5.19 -22.00
N VAL B 151 6.26 4.50 -20.98
CA VAL B 151 6.15 3.05 -21.03
C VAL B 151 4.83 2.67 -21.69
N ARG B 152 4.91 1.87 -22.73
CA ARG B 152 3.73 1.39 -23.45
C ARG B 152 3.78 -0.13 -23.53
N VAL B 153 2.60 -0.74 -23.59
CA VAL B 153 2.52 -2.19 -23.73
C VAL B 153 3.05 -2.57 -25.11
N SER B 154 3.92 -3.58 -25.14
CA SER B 154 4.53 -4.01 -26.39
C SER B 154 3.90 -5.26 -26.96
N ARG B 155 3.38 -6.15 -26.10
CA ARG B 155 2.81 -7.40 -26.54
C ARG B 155 1.81 -7.88 -25.49
N GLU B 156 0.75 -8.51 -25.96
CA GLU B 156 -0.29 -9.08 -25.09
C GLU B 156 -0.40 -10.55 -25.44
N LEU B 157 0.23 -11.40 -24.63
CA LEU B 157 0.27 -12.84 -24.88
C LEU B 157 -1.01 -13.48 -24.35
N ALA B 158 -1.85 -13.97 -25.26
CA ALA B 158 -3.10 -14.62 -24.92
C ALA B 158 -3.07 -16.06 -25.40
N GLY B 159 -3.79 -16.92 -24.70
CA GLY B 159 -3.80 -18.33 -25.01
C GLY B 159 -3.91 -19.22 -23.78
N HIS B 160 -3.80 -18.63 -22.61
CA HIS B 160 -4.02 -19.33 -21.35
C HIS B 160 -5.49 -19.25 -20.98
N THR B 161 -6.09 -20.39 -20.64
CA THR B 161 -7.48 -20.42 -20.23
C THR B 161 -7.67 -20.14 -18.75
N GLY B 162 -6.59 -20.10 -17.97
CA GLY B 162 -6.63 -19.75 -16.57
C GLY B 162 -5.80 -18.51 -16.29
N TYR B 163 -5.82 -18.10 -15.03
CA TYR B 163 -5.10 -16.91 -14.61
C TYR B 163 -3.59 -17.14 -14.69
N LEU B 164 -2.85 -16.05 -14.91
CA LEU B 164 -1.40 -16.10 -14.94
C LEU B 164 -0.84 -15.98 -13.53
N SER B 165 0.01 -16.93 -13.16
CA SER B 165 0.59 -16.94 -11.82
C SER B 165 2.07 -16.56 -11.78
N CYS B 166 2.82 -16.80 -12.85
CA CYS B 166 4.24 -16.45 -12.89
C CYS B 166 4.67 -16.28 -14.33
N CYS B 167 5.70 -15.47 -14.53
CA CYS B 167 6.31 -15.26 -15.84
C CYS B 167 7.77 -14.87 -15.63
N ARG B 168 8.64 -15.39 -16.50
CA ARG B 168 10.06 -15.10 -16.42
C ARG B 168 10.64 -15.00 -17.83
N PHE B 169 11.40 -13.94 -18.08
CA PHE B 169 12.00 -13.74 -19.39
C PHE B 169 13.17 -14.69 -19.60
N LEU B 170 13.29 -15.22 -20.82
CA LEU B 170 14.50 -15.89 -21.25
C LEU B 170 15.43 -14.92 -21.97
N ASP B 171 14.87 -14.00 -22.73
CA ASP B 171 15.57 -12.92 -23.41
C ASP B 171 14.50 -11.91 -23.83
N ASP B 172 14.88 -10.94 -24.66
CA ASP B 172 13.93 -9.93 -25.11
C ASP B 172 12.81 -10.53 -25.94
N ASN B 173 13.00 -11.71 -26.52
CA ASN B 173 12.02 -12.30 -27.42
C ASN B 173 11.33 -13.54 -26.86
N GLN B 174 11.84 -14.13 -25.79
CA GLN B 174 11.29 -15.36 -25.23
C GLN B 174 10.89 -15.15 -23.79
N ILE B 175 9.74 -15.73 -23.40
CA ILE B 175 9.23 -15.67 -22.04
C ILE B 175 8.48 -16.95 -21.75
N VAL B 176 8.56 -17.38 -20.49
CA VAL B 176 7.88 -18.59 -20.02
C VAL B 176 6.87 -18.17 -18.96
N THR B 177 5.63 -18.63 -19.11
CA THR B 177 4.56 -18.29 -18.19
C THR B 177 3.92 -19.55 -17.64
N SER B 178 3.42 -19.46 -16.41
CA SER B 178 2.66 -20.52 -15.77
C SER B 178 1.24 -20.01 -15.52
N SER B 179 0.28 -20.92 -15.60
CA SER B 179 -1.12 -20.53 -15.56
C SER B 179 -1.89 -21.39 -14.58
N GLY B 180 -3.08 -20.91 -14.21
CA GLY B 180 -4.02 -21.67 -13.42
C GLY B 180 -4.74 -22.76 -14.20
N ASP B 181 -4.53 -22.84 -15.52
CA ASP B 181 -5.07 -23.92 -16.33
C ASP B 181 -4.18 -25.16 -16.34
N THR B 182 -3.32 -25.31 -15.33
CA THR B 182 -2.48 -26.49 -15.11
C THR B 182 -1.42 -26.69 -16.19
N THR B 183 -1.04 -25.62 -16.90
CA THR B 183 -0.03 -25.73 -17.94
C THR B 183 0.98 -24.60 -17.83
N CYS B 184 2.15 -24.83 -18.42
CA CYS B 184 3.16 -23.80 -18.63
C CYS B 184 3.36 -23.62 -20.12
N ALA B 185 3.71 -22.40 -20.53
CA ALA B 185 3.83 -22.08 -21.94
C ALA B 185 5.10 -21.26 -22.18
N LEU B 186 5.79 -21.56 -23.27
CA LEU B 186 6.90 -20.74 -23.75
C LEU B 186 6.42 -19.95 -24.95
N TRP B 187 6.62 -18.64 -24.90
CA TRP B 187 6.08 -17.72 -25.91
C TRP B 187 7.20 -17.10 -26.73
N ASP B 188 6.91 -16.89 -28.01
CA ASP B 188 7.73 -16.03 -28.86
C ASP B 188 7.06 -14.65 -28.87
N ILE B 189 7.71 -13.68 -28.24
CA ILE B 189 7.07 -12.39 -28.02
C ILE B 189 6.80 -11.66 -29.33
N GLU B 190 7.69 -11.81 -30.31
CA GLU B 190 7.52 -11.12 -31.58
C GLU B 190 6.24 -11.58 -32.28
N THR B 191 6.07 -12.89 -32.45
CA THR B 191 4.86 -13.40 -33.09
C THR B 191 3.66 -13.39 -32.15
N GLY B 192 3.89 -13.50 -30.84
CA GLY B 192 2.80 -13.52 -29.89
C GLY B 192 2.12 -14.85 -29.71
N GLN B 193 2.72 -15.94 -30.21
CA GLN B 193 2.12 -17.26 -30.14
C GLN B 193 2.97 -18.18 -29.26
N GLN B 194 2.31 -19.17 -28.67
CA GLN B 194 2.99 -20.14 -27.82
C GLN B 194 3.88 -21.03 -28.67
N THR B 195 5.20 -20.88 -28.51
CA THR B 195 6.13 -21.77 -29.21
C THR B 195 6.03 -23.19 -28.66
N THR B 196 5.96 -23.33 -27.34
CA THR B 196 5.90 -24.63 -26.69
C THR B 196 4.88 -24.59 -25.56
N THR B 197 4.24 -25.73 -25.32
CA THR B 197 3.32 -25.88 -24.20
C THR B 197 3.80 -27.04 -23.34
N PHE B 198 3.74 -26.86 -22.02
CA PHE B 198 4.19 -27.85 -21.05
C PHE B 198 3.00 -28.34 -20.26
N THR B 199 2.64 -29.60 -20.45
CA THR B 199 1.47 -30.20 -19.81
C THR B 199 1.89 -31.39 -18.96
N GLY B 200 1.07 -31.69 -17.96
CA GLY B 200 1.36 -32.77 -17.05
C GLY B 200 0.96 -32.48 -15.62
N HIS B 201 0.91 -31.21 -15.26
CA HIS B 201 0.41 -30.83 -13.95
C HIS B 201 -1.10 -31.02 -13.90
N THR B 202 -1.59 -31.63 -12.82
CA THR B 202 -3.02 -31.86 -12.63
C THR B 202 -3.68 -30.77 -11.80
N GLY B 203 -2.91 -29.80 -11.29
CA GLY B 203 -3.46 -28.71 -10.53
C GLY B 203 -2.94 -27.38 -11.05
N ASP B 204 -3.50 -26.30 -10.50
CA ASP B 204 -3.10 -24.96 -10.91
C ASP B 204 -1.61 -24.76 -10.66
N VAL B 205 -0.91 -24.29 -11.68
CA VAL B 205 0.52 -24.02 -11.55
C VAL B 205 0.69 -22.68 -10.87
N MET B 206 1.50 -22.65 -9.81
CA MET B 206 1.60 -21.50 -8.94
C MET B 206 2.88 -20.70 -9.13
N SER B 207 3.99 -21.36 -9.39
CA SER B 207 5.28 -20.69 -9.49
C SER B 207 6.16 -21.42 -10.49
N LEU B 208 7.15 -20.70 -11.01
CA LEU B 208 8.13 -21.27 -11.92
C LEU B 208 9.47 -20.58 -11.68
N SER B 209 10.55 -21.34 -11.82
CA SER B 209 11.90 -20.81 -11.70
C SER B 209 12.73 -21.26 -12.89
N LEU B 210 13.50 -20.32 -13.44
CA LEU B 210 14.37 -20.60 -14.57
C LEU B 210 15.76 -21.00 -14.08
N ALA B 211 16.34 -22.00 -14.74
CA ALA B 211 17.71 -22.38 -14.43
C ALA B 211 18.66 -21.26 -14.81
N PRO B 212 19.81 -21.16 -14.13
CA PRO B 212 20.79 -20.13 -14.51
C PRO B 212 21.25 -20.26 -15.96
N ASP B 213 21.31 -21.47 -16.48
CA ASP B 213 21.71 -21.68 -17.86
C ASP B 213 20.56 -21.46 -18.86
N THR B 214 19.33 -21.32 -18.37
CA THR B 214 18.13 -21.04 -19.15
C THR B 214 17.67 -22.26 -19.96
N ARG B 215 18.48 -23.32 -20.03
CA ARG B 215 18.09 -24.51 -20.78
C ARG B 215 16.91 -25.22 -20.15
N LEU B 216 16.84 -25.26 -18.82
CA LEU B 216 15.77 -25.91 -18.09
C LEU B 216 15.02 -24.89 -17.25
N PHE B 217 13.84 -25.29 -16.78
CA PHE B 217 13.11 -24.53 -15.78
C PHE B 217 12.27 -25.49 -14.96
N VAL B 218 11.98 -25.08 -13.72
CA VAL B 218 11.26 -25.91 -12.78
C VAL B 218 9.95 -25.22 -12.44
N SER B 219 8.92 -26.01 -12.16
CA SER B 219 7.58 -25.49 -11.93
C SER B 219 6.95 -26.18 -10.73
N GLY B 220 6.15 -25.42 -9.98
CA GLY B 220 5.44 -25.95 -8.83
C GLY B 220 3.96 -25.60 -8.91
N ALA B 221 3.11 -26.57 -8.60
CA ALA B 221 1.69 -26.44 -8.84
C ALA B 221 0.91 -26.85 -7.60
N CYS B 222 -0.42 -26.73 -7.71
CA CYS B 222 -1.33 -27.02 -6.61
C CYS B 222 -1.57 -28.50 -6.41
N ASP B 223 -1.04 -29.36 -7.27
CA ASP B 223 -1.13 -30.81 -7.08
C ASP B 223 -0.02 -31.34 -6.18
N ALA B 224 0.64 -30.47 -5.40
CA ALA B 224 1.68 -30.85 -4.47
C ALA B 224 2.86 -31.54 -5.17
N SER B 225 3.15 -31.15 -6.41
CA SER B 225 4.25 -31.74 -7.16
C SER B 225 5.05 -30.63 -7.82
N ALA B 226 6.33 -30.91 -8.03
CA ALA B 226 7.24 -30.03 -8.75
C ALA B 226 7.76 -30.76 -9.98
N LYS B 227 7.72 -30.10 -11.12
CA LYS B 227 8.09 -30.70 -12.39
C LYS B 227 9.24 -29.91 -13.02
N LEU B 228 10.25 -30.63 -13.50
CA LEU B 228 11.37 -30.04 -14.21
C LEU B 228 11.17 -30.25 -15.71
N TRP B 229 11.16 -29.14 -16.45
CA TRP B 229 10.94 -29.19 -17.89
C TRP B 229 12.17 -28.75 -18.65
N ASP B 230 12.33 -29.29 -19.86
CA ASP B 230 13.37 -28.86 -20.79
C ASP B 230 12.72 -27.88 -21.78
N VAL B 231 13.29 -26.68 -21.87
CA VAL B 231 12.68 -25.63 -22.68
C VAL B 231 12.69 -26.01 -24.16
N ARG B 232 13.80 -26.59 -24.63
CA ARG B 232 13.92 -26.90 -26.06
C ARG B 232 13.05 -28.08 -26.44
N GLU B 233 13.24 -29.23 -25.79
CA GLU B 233 12.44 -30.40 -26.12
C GLU B 233 10.97 -30.20 -25.79
N GLY B 234 10.68 -29.57 -24.65
CA GLY B 234 9.32 -29.25 -24.31
C GLY B 234 8.56 -30.31 -23.55
N MET B 235 9.24 -31.29 -22.95
CA MET B 235 8.59 -32.32 -22.16
C MET B 235 9.13 -32.31 -20.73
N CYS B 236 8.42 -33.02 -19.85
CA CYS B 236 8.76 -33.05 -18.44
C CYS B 236 9.95 -33.97 -18.23
N ARG B 237 11.06 -33.41 -17.75
CA ARG B 237 12.24 -34.21 -17.46
C ARG B 237 12.05 -35.05 -16.20
N GLN B 238 11.51 -34.46 -15.14
CA GLN B 238 11.40 -35.13 -13.86
C GLN B 238 10.22 -34.57 -13.08
N THR B 239 9.72 -35.36 -12.15
CA THR B 239 8.64 -34.97 -11.26
C THR B 239 9.05 -35.24 -9.82
N PHE B 240 8.76 -34.29 -8.94
CA PHE B 240 9.12 -34.37 -7.54
C PHE B 240 7.87 -34.20 -6.69
N THR B 241 7.63 -35.15 -5.78
CA THR B 241 6.40 -35.18 -4.98
C THR B 241 6.81 -35.52 -3.54
N GLY B 242 6.98 -34.50 -2.72
CA GLY B 242 7.21 -34.70 -1.30
C GLY B 242 6.28 -33.87 -0.43
N HIS B 243 5.73 -32.81 -1.00
CA HIS B 243 4.87 -31.91 -0.26
C HIS B 243 3.47 -32.51 -0.09
N GLU B 244 2.78 -32.06 0.95
CA GLU B 244 1.45 -32.55 1.26
C GLU B 244 0.37 -31.49 1.04
N SER B 245 0.73 -30.35 0.45
CA SER B 245 -0.23 -29.28 0.18
C SER B 245 0.23 -28.53 -1.06
N ASP B 246 -0.46 -27.43 -1.37
CA ASP B 246 -0.18 -26.68 -2.58
C ASP B 246 1.19 -26.03 -2.51
N ILE B 247 1.96 -26.16 -3.58
CA ILE B 247 3.25 -25.50 -3.71
C ILE B 247 3.01 -24.08 -4.21
N ASN B 248 3.47 -23.08 -3.45
CA ASN B 248 3.25 -21.69 -3.81
C ASN B 248 4.48 -21.00 -4.36
N ALA B 249 5.67 -21.54 -4.11
CA ALA B 249 6.90 -20.88 -4.53
C ALA B 249 7.94 -21.92 -4.88
N ILE B 250 8.88 -21.53 -5.74
CA ILE B 250 9.95 -22.42 -6.18
C ILE B 250 11.13 -21.58 -6.65
N CYS B 251 12.34 -22.01 -6.32
CA CYS B 251 13.54 -21.28 -6.69
C CYS B 251 14.69 -22.27 -6.93
N PHE B 252 15.56 -21.91 -7.86
CA PHE B 252 16.70 -22.73 -8.22
C PHE B 252 17.89 -22.44 -7.32
N PHE B 253 18.70 -23.47 -7.08
CA PHE B 253 19.98 -23.27 -6.44
C PHE B 253 20.91 -22.52 -7.39
N PRO B 254 21.87 -21.76 -6.87
CA PRO B 254 22.73 -20.94 -7.75
C PRO B 254 23.49 -21.74 -8.80
N ASN B 255 23.85 -23.00 -8.52
CA ASN B 255 24.55 -23.78 -9.53
C ASN B 255 23.60 -24.47 -10.52
N GLY B 256 22.30 -24.46 -10.24
CA GLY B 256 21.32 -25.03 -11.14
C GLY B 256 21.11 -26.53 -11.02
N ASN B 257 21.79 -27.18 -10.07
CA ASN B 257 21.66 -28.62 -9.88
C ASN B 257 20.66 -28.98 -8.79
N ALA B 258 20.00 -28.00 -8.19
CA ALA B 258 19.01 -28.25 -7.15
C ALA B 258 18.03 -27.09 -7.12
N PHE B 259 16.91 -27.30 -6.45
CA PHE B 259 15.92 -26.24 -6.31
C PHE B 259 15.20 -26.42 -4.98
N ALA B 260 14.63 -25.32 -4.50
CA ALA B 260 13.86 -25.31 -3.26
C ALA B 260 12.44 -24.85 -3.56
N THR B 261 11.49 -25.41 -2.81
CA THR B 261 10.09 -25.08 -3.01
C THR B 261 9.39 -24.96 -1.66
N GLY B 262 8.48 -24.01 -1.55
CA GLY B 262 7.72 -23.77 -0.34
C GLY B 262 6.24 -24.00 -0.59
N SER B 263 5.56 -24.57 0.39
CA SER B 263 4.19 -25.02 0.21
C SER B 263 3.29 -24.47 1.31
N ASP B 264 2.00 -24.79 1.18
CA ASP B 264 1.00 -24.39 2.16
C ASP B 264 1.05 -25.22 3.43
N ASP B 265 1.82 -26.30 3.45
CA ASP B 265 1.94 -27.16 4.63
C ASP B 265 2.97 -26.63 5.64
N ALA B 266 3.29 -25.33 5.57
CA ALA B 266 4.22 -24.69 6.48
C ALA B 266 5.62 -25.30 6.39
N THR B 267 6.01 -25.70 5.19
CA THR B 267 7.26 -26.42 4.98
C THR B 267 7.93 -25.94 3.70
N CYS B 268 9.24 -25.75 3.77
CA CYS B 268 10.08 -25.58 2.60
C CYS B 268 10.89 -26.86 2.38
N ARG B 269 11.11 -27.20 1.12
CA ARG B 269 11.81 -28.43 0.78
C ARG B 269 12.83 -28.17 -0.30
N LEU B 270 13.95 -28.88 -0.25
CA LEU B 270 15.01 -28.79 -1.22
C LEU B 270 15.11 -30.12 -1.97
N PHE B 271 15.10 -30.05 -3.30
CA PHE B 271 15.20 -31.23 -4.14
C PHE B 271 16.45 -31.15 -5.00
N ASP B 272 17.06 -32.30 -5.24
CA ASP B 272 18.25 -32.41 -6.08
C ASP B 272 17.89 -33.01 -7.42
N LEU B 273 18.38 -32.40 -8.50
CA LEU B 273 18.06 -32.87 -9.84
C LEU B 273 18.68 -34.23 -10.12
N ARG B 274 19.97 -34.38 -9.84
CA ARG B 274 20.66 -35.63 -10.16
C ARG B 274 20.26 -36.75 -9.20
N ALA B 275 20.09 -36.43 -7.91
CA ALA B 275 19.60 -37.42 -6.97
C ALA B 275 18.13 -37.74 -7.20
N ASP B 276 17.38 -36.82 -7.83
CA ASP B 276 15.98 -37.04 -8.20
C ASP B 276 15.12 -37.33 -6.97
N GLN B 277 15.40 -36.64 -5.87
CA GLN B 277 14.61 -36.82 -4.65
C GLN B 277 14.86 -35.64 -3.72
N GLU B 278 14.03 -35.59 -2.68
CA GLU B 278 14.16 -34.56 -1.65
C GLU B 278 15.48 -34.73 -0.89
N LEU B 279 16.11 -33.61 -0.57
CA LEU B 279 17.35 -33.62 0.20
C LEU B 279 17.17 -33.11 1.63
N MET B 280 16.34 -32.08 1.81
CA MET B 280 16.22 -31.47 3.13
C MET B 280 14.86 -30.81 3.26
N THR B 281 14.37 -30.75 4.49
CA THR B 281 13.09 -30.14 4.84
C THR B 281 13.32 -29.04 5.85
N TYR B 282 12.77 -27.86 5.60
CA TYR B 282 12.93 -26.70 6.48
C TYR B 282 11.57 -26.36 7.09
N SER B 283 11.37 -26.79 8.33
CA SER B 283 10.10 -26.57 9.00
C SER B 283 10.34 -26.46 10.51
N HIS B 284 9.40 -25.84 11.19
CA HIS B 284 9.43 -25.71 12.64
C HIS B 284 8.03 -25.95 13.18
N ASP B 285 7.98 -26.41 14.44
CA ASP B 285 6.68 -26.63 15.08
C ASP B 285 5.94 -25.33 15.29
N ASN B 286 6.66 -24.25 15.61
CA ASN B 286 6.04 -22.95 15.80
C ASN B 286 5.51 -22.36 14.50
N ILE B 287 5.88 -22.92 13.36
CA ILE B 287 5.47 -22.42 12.05
C ILE B 287 4.30 -23.27 11.56
N ILE B 288 3.17 -22.61 11.28
CA ILE B 288 1.98 -23.31 10.81
C ILE B 288 1.42 -22.61 9.58
N CYS B 289 1.89 -21.40 9.33
CA CYS B 289 1.46 -20.65 8.15
C CYS B 289 2.15 -21.17 6.89
N GLY B 290 1.47 -21.00 5.76
CA GLY B 290 2.05 -21.40 4.50
C GLY B 290 3.14 -20.47 4.01
N ILE B 291 3.94 -20.96 3.08
CA ILE B 291 5.04 -20.20 2.51
C ILE B 291 4.58 -19.52 1.23
N THR B 292 4.81 -18.22 1.14
CA THR B 292 4.44 -17.45 -0.04
C THR B 292 5.58 -17.33 -1.05
N SER B 293 6.82 -17.27 -0.59
CA SER B 293 7.95 -17.05 -1.48
C SER B 293 9.20 -17.70 -0.89
N VAL B 294 10.11 -18.11 -1.77
CA VAL B 294 11.40 -18.66 -1.38
C VAL B 294 12.47 -18.04 -2.27
N SER B 295 13.69 -17.96 -1.72
CA SER B 295 14.81 -17.40 -2.45
C SER B 295 16.10 -17.86 -1.79
N PHE B 296 17.15 -18.00 -2.61
CA PHE B 296 18.46 -18.38 -2.14
C PHE B 296 19.38 -17.17 -2.14
N SER B 297 20.39 -17.20 -1.27
CA SER B 297 21.45 -16.21 -1.32
C SER B 297 22.40 -16.53 -2.47
N LYS B 298 23.41 -15.67 -2.65
CA LYS B 298 24.30 -15.80 -3.80
C LYS B 298 25.06 -17.12 -3.77
N SER B 299 25.54 -17.53 -2.60
CA SER B 299 26.26 -18.79 -2.49
C SER B 299 25.34 -20.00 -2.32
N GLY B 300 24.04 -19.77 -2.09
CA GLY B 300 23.13 -20.85 -1.82
C GLY B 300 23.13 -21.33 -0.38
N ARG B 301 23.94 -20.73 0.49
CA ARG B 301 23.99 -21.15 1.88
C ARG B 301 22.73 -20.77 2.63
N LEU B 302 22.11 -19.64 2.27
CA LEU B 302 20.93 -19.14 2.95
C LEU B 302 19.70 -19.31 2.06
N LEU B 303 18.64 -19.87 2.63
CA LEU B 303 17.35 -19.97 1.98
C LEU B 303 16.37 -19.06 2.71
N LEU B 304 15.88 -18.04 2.02
CA LEU B 304 14.97 -17.07 2.61
C LEU B 304 13.55 -17.37 2.15
N ALA B 305 12.63 -17.51 3.11
CA ALA B 305 11.25 -17.88 2.82
C ALA B 305 10.31 -16.86 3.43
N GLY B 306 9.28 -16.48 2.67
CA GLY B 306 8.25 -15.61 3.19
C GLY B 306 7.03 -16.41 3.64
N TYR B 307 6.38 -15.92 4.70
CA TYR B 307 5.30 -16.64 5.35
C TYR B 307 4.09 -15.74 5.49
N ASP B 308 2.97 -16.36 5.88
CA ASP B 308 1.74 -15.62 6.18
C ASP B 308 1.74 -15.00 7.56
N ASP B 309 2.66 -15.40 8.44
CA ASP B 309 2.75 -14.85 9.79
C ASP B 309 3.42 -13.48 9.83
N PHE B 310 3.54 -12.82 8.67
CA PHE B 310 4.04 -11.46 8.47
C PHE B 310 5.56 -11.41 8.49
N ASN B 311 6.25 -12.53 8.65
CA ASN B 311 7.70 -12.54 8.83
C ASN B 311 8.38 -13.36 7.73
N CYS B 312 9.66 -13.06 7.53
CA CYS B 312 10.52 -13.82 6.64
C CYS B 312 11.55 -14.56 7.47
N ASN B 313 11.75 -15.84 7.16
CA ASN B 313 12.68 -16.68 7.89
C ASN B 313 13.90 -16.98 7.02
N VAL B 314 15.08 -16.82 7.60
CA VAL B 314 16.33 -17.14 6.93
C VAL B 314 16.77 -18.52 7.40
N TRP B 315 16.86 -19.45 6.48
CA TRP B 315 17.25 -20.82 6.79
C TRP B 315 18.68 -21.08 6.35
N ASP B 316 19.41 -21.84 7.16
CA ASP B 316 20.67 -22.43 6.72
C ASP B 316 20.34 -23.59 5.78
N ALA B 317 20.57 -23.39 4.48
CA ALA B 317 20.17 -24.36 3.49
C ALA B 317 20.90 -25.69 3.65
N LEU B 318 22.06 -25.69 4.32
CA LEU B 318 22.83 -26.92 4.49
C LEU B 318 22.52 -27.63 5.79
N LYS B 319 22.03 -26.93 6.81
CA LYS B 319 21.80 -27.51 8.12
C LYS B 319 20.33 -27.47 8.56
N ALA B 320 19.45 -26.86 7.77
CA ALA B 320 18.03 -26.76 8.09
C ALA B 320 17.80 -26.10 9.45
N ASP B 321 18.61 -25.10 9.76
CA ASP B 321 18.49 -24.34 10.99
C ASP B 321 18.09 -22.91 10.67
N ARG B 322 17.11 -22.38 11.40
CA ARG B 322 16.65 -21.02 11.21
C ARG B 322 17.73 -20.06 11.70
N ALA B 323 18.44 -19.45 10.76
CA ALA B 323 19.58 -18.59 11.10
C ALA B 323 19.20 -17.13 11.31
N GLY B 324 17.97 -16.73 10.99
CA GLY B 324 17.58 -15.35 11.16
C GLY B 324 16.15 -15.14 10.77
N VAL B 325 15.64 -13.94 11.09
CA VAL B 325 14.25 -13.56 10.82
C VAL B 325 14.24 -12.12 10.33
N LEU B 326 13.44 -11.87 9.29
CA LEU B 326 13.16 -10.51 8.82
C LEU B 326 11.73 -10.17 9.23
N ALA B 327 11.59 -9.36 10.28
CA ALA B 327 10.28 -9.02 10.84
C ALA B 327 10.14 -7.50 10.83
N GLY B 328 9.56 -6.97 9.76
CA GLY B 328 9.32 -5.54 9.65
C GLY B 328 8.02 -5.18 8.97
N HIS B 329 7.25 -6.19 8.59
CA HIS B 329 6.02 -5.99 7.82
C HIS B 329 4.80 -6.22 8.70
N ASP B 330 3.79 -5.37 8.52
CA ASP B 330 2.56 -5.44 9.29
C ASP B 330 1.53 -6.39 8.69
N ASN B 331 1.82 -7.00 7.54
CA ASN B 331 0.88 -7.91 6.90
C ASN B 331 1.69 -9.04 6.26
N ARG B 332 0.98 -9.89 5.51
CA ARG B 332 1.59 -11.09 4.93
C ARG B 332 2.68 -10.72 3.94
N VAL B 333 3.83 -11.39 4.07
CA VAL B 333 4.92 -11.24 3.11
C VAL B 333 4.56 -12.05 1.86
N SER B 334 4.39 -11.38 0.73
CA SER B 334 3.91 -12.03 -0.49
C SER B 334 5.01 -12.38 -1.47
N CYS B 335 6.09 -11.60 -1.53
CA CYS B 335 7.13 -11.82 -2.51
C CYS B 335 8.51 -11.62 -1.88
N LEU B 336 9.51 -12.27 -2.48
CA LEU B 336 10.88 -12.22 -2.02
C LEU B 336 11.80 -12.10 -3.23
N GLY B 337 12.99 -11.56 -3.00
CA GLY B 337 13.96 -11.44 -4.06
C GLY B 337 15.35 -11.05 -3.60
N VAL B 338 16.35 -11.78 -4.07
CA VAL B 338 17.76 -11.52 -3.77
C VAL B 338 18.41 -11.00 -5.04
N THR B 339 19.24 -9.96 -4.91
CA THR B 339 19.87 -9.34 -6.07
C THR B 339 20.83 -10.33 -6.74
N ASP B 340 21.19 -9.99 -7.98
CA ASP B 340 22.10 -10.85 -8.75
C ASP B 340 23.49 -10.87 -8.14
N ASP B 341 23.94 -9.76 -7.56
CA ASP B 341 25.21 -9.73 -6.86
C ASP B 341 25.09 -10.17 -5.41
N GLY B 342 23.89 -10.50 -4.96
CA GLY B 342 23.70 -11.02 -3.62
C GLY B 342 23.81 -9.98 -2.52
N MET B 343 23.84 -8.70 -2.87
CA MET B 343 24.10 -7.67 -1.88
C MET B 343 22.89 -7.39 -0.99
N ALA B 344 21.68 -7.49 -1.53
CA ALA B 344 20.50 -7.09 -0.77
C ALA B 344 19.38 -8.10 -0.96
N VAL B 345 18.33 -7.95 -0.15
CA VAL B 345 17.10 -8.73 -0.26
C VAL B 345 15.94 -7.74 -0.26
N ALA B 346 15.03 -7.91 -1.22
CA ALA B 346 13.79 -7.13 -1.26
C ALA B 346 12.64 -8.03 -0.81
N THR B 347 11.76 -7.49 0.02
CA THR B 347 10.59 -8.21 0.51
C THR B 347 9.36 -7.35 0.28
N GLY B 348 8.36 -7.92 -0.37
CA GLY B 348 7.09 -7.24 -0.59
C GLY B 348 6.00 -7.88 0.26
N SER B 349 5.07 -7.06 0.73
CA SER B 349 4.06 -7.51 1.67
C SER B 349 2.69 -6.95 1.33
N TRP B 350 1.67 -7.46 2.01
CA TRP B 350 0.30 -7.02 1.83
C TRP B 350 0.04 -5.65 2.45
N ASP B 351 0.98 -5.12 3.23
CA ASP B 351 0.83 -3.79 3.80
C ASP B 351 1.21 -2.67 2.83
N SER B 352 1.38 -3.00 1.54
CA SER B 352 1.71 -2.06 0.46
C SER B 352 3.10 -1.47 0.58
N PHE B 353 4.05 -2.18 1.18
CA PHE B 353 5.40 -1.66 1.36
C PHE B 353 6.42 -2.67 0.89
N LEU B 354 7.51 -2.17 0.30
CA LEU B 354 8.66 -2.97 -0.07
C LEU B 354 9.84 -2.58 0.81
N LYS B 355 10.60 -3.57 1.27
CA LYS B 355 11.72 -3.33 2.17
C LYS B 355 12.97 -3.97 1.62
N ILE B 356 14.06 -3.21 1.62
CA ILE B 356 15.38 -3.73 1.24
C ILE B 356 16.15 -4.06 2.51
N TRP B 357 16.69 -5.27 2.58
CA TRP B 357 17.32 -5.77 3.79
C TRP B 357 18.80 -6.04 3.57
N ASN B 358 19.57 -5.94 4.65
CA ASN B 358 21.01 -6.14 4.61
C ASN B 358 21.56 -6.50 5.99
N ASP C 1 6.73 10.32 -35.11
CA ASP C 1 8.15 10.67 -35.09
C ASP C 1 8.40 11.85 -34.16
N VAL C 2 9.45 11.75 -33.36
CA VAL C 2 9.76 12.80 -32.40
C VAL C 2 10.16 14.07 -33.16
N GLN C 3 9.54 15.18 -32.81
CA GLN C 3 9.80 16.44 -33.50
C GLN C 3 9.73 17.60 -32.52
N LEU C 4 10.69 18.52 -32.65
CA LEU C 4 10.67 19.80 -31.94
C LEU C 4 10.83 20.90 -32.99
N VAL C 5 9.81 21.73 -33.13
CA VAL C 5 9.79 22.79 -34.12
C VAL C 5 9.69 24.13 -33.41
N GLU C 6 10.66 25.00 -33.64
CA GLU C 6 10.74 26.29 -32.99
C GLU C 6 10.44 27.43 -33.97
N SER C 7 9.83 28.48 -33.43
CA SER C 7 9.45 29.64 -34.21
C SER C 7 9.55 30.87 -33.33
N GLY C 8 9.34 32.04 -33.93
CA GLY C 8 9.37 33.30 -33.22
C GLY C 8 10.64 34.10 -33.42
N GLY C 9 11.68 33.51 -33.97
CA GLY C 9 12.91 34.24 -34.20
C GLY C 9 12.81 35.19 -35.36
N GLY C 10 13.70 36.18 -35.37
CA GLY C 10 13.71 37.16 -36.43
C GLY C 10 14.55 38.36 -36.03
N LEU C 11 14.46 39.40 -36.86
CA LEU C 11 15.21 40.62 -36.62
C LEU C 11 14.53 41.44 -35.53
N VAL C 12 15.29 41.78 -34.49
CA VAL C 12 14.79 42.53 -33.35
C VAL C 12 15.72 43.70 -33.09
N GLN C 13 15.14 44.86 -32.79
CA GLN C 13 15.95 46.01 -32.42
C GLN C 13 16.48 45.84 -31.00
N PRO C 14 17.63 46.45 -30.69
CA PRO C 14 18.17 46.36 -29.33
C PRO C 14 17.20 46.96 -28.31
N GLY C 15 17.10 46.30 -27.16
CA GLY C 15 16.18 46.71 -26.12
C GLY C 15 14.77 46.21 -26.29
N GLY C 16 14.48 45.50 -27.37
CA GLY C 16 13.14 44.98 -27.62
C GLY C 16 12.89 43.67 -26.89
N SER C 17 11.73 43.09 -27.18
CA SER C 17 11.32 41.84 -26.57
C SER C 17 10.83 40.88 -27.65
N ARG C 18 11.02 39.59 -27.39
CA ARG C 18 10.61 38.55 -28.32
C ARG C 18 10.18 37.33 -27.52
N LYS C 19 9.37 36.49 -28.15
CA LYS C 19 8.90 35.25 -27.54
C LYS C 19 9.14 34.11 -28.51
N LEU C 20 10.01 33.18 -28.15
CA LEU C 20 10.25 31.99 -28.95
C LEU C 20 9.35 30.87 -28.47
N SER C 21 8.72 30.18 -29.42
CA SER C 21 7.86 29.05 -29.12
C SER C 21 8.46 27.79 -29.73
N CYS C 22 8.07 26.64 -29.15
CA CYS C 22 8.52 25.35 -29.66
C CYS C 22 7.39 24.34 -29.49
N SER C 23 6.84 23.89 -30.62
CA SER C 23 5.79 22.87 -30.60
C SER C 23 6.45 21.50 -30.57
N ALA C 24 6.01 20.66 -29.63
CA ALA C 24 6.51 19.31 -29.47
C ALA C 24 5.46 18.32 -29.94
N SER C 25 5.88 17.35 -30.74
CA SER C 25 4.98 16.33 -31.25
C SER C 25 5.70 15.00 -31.31
N GLY C 26 4.92 13.92 -31.16
CA GLY C 26 5.47 12.59 -31.28
C GLY C 26 6.11 12.03 -30.03
N PHE C 27 5.98 12.69 -28.89
CA PHE C 27 6.51 12.16 -27.64
C PHE C 27 5.75 12.78 -26.47
N ALA C 28 5.91 12.17 -25.30
CA ALA C 28 5.26 12.63 -24.08
C ALA C 28 5.98 13.86 -23.57
N PHE C 29 5.49 15.03 -24.01
CA PHE C 29 6.16 16.30 -23.71
C PHE C 29 6.16 16.62 -22.22
N SER C 30 5.11 16.19 -21.50
CA SER C 30 4.98 16.57 -20.10
C SER C 30 6.03 15.92 -19.21
N SER C 31 6.52 14.74 -19.58
CA SER C 31 7.46 14.00 -18.75
C SER C 31 8.91 14.32 -19.06
N PHE C 32 9.18 15.27 -19.96
CA PHE C 32 10.53 15.62 -20.36
C PHE C 32 10.87 17.01 -19.82
N GLY C 33 12.06 17.14 -19.25
CA GLY C 33 12.60 18.46 -18.99
C GLY C 33 13.09 19.10 -20.27
N MET C 34 13.03 20.43 -20.31
CA MET C 34 13.32 21.17 -21.53
C MET C 34 14.42 22.19 -21.28
N HIS C 35 15.35 22.29 -22.21
CA HIS C 35 16.43 23.26 -22.17
C HIS C 35 16.37 24.15 -23.40
N TRP C 36 16.75 25.40 -23.24
CA TRP C 36 17.01 26.30 -24.36
C TRP C 36 18.51 26.43 -24.53
N VAL C 37 19.01 26.14 -25.74
CA VAL C 37 20.43 26.24 -26.04
C VAL C 37 20.59 27.11 -27.28
N ARG C 38 21.45 28.10 -27.20
CA ARG C 38 21.69 29.02 -28.30
C ARG C 38 23.13 28.91 -28.78
N GLN C 39 23.33 29.18 -30.06
CA GLN C 39 24.65 29.16 -30.67
C GLN C 39 24.82 30.43 -31.50
N ALA C 40 25.79 31.26 -31.12
CA ALA C 40 26.04 32.48 -31.85
C ALA C 40 26.59 32.15 -33.24
N PRO C 41 26.41 33.06 -34.21
CA PRO C 41 26.92 32.80 -35.56
C PRO C 41 28.42 32.52 -35.55
N GLU C 42 28.80 31.40 -36.16
CA GLU C 42 30.20 30.95 -36.23
C GLU C 42 30.80 30.78 -34.84
N LYS C 43 30.01 30.32 -33.87
CA LYS C 43 30.50 30.09 -32.52
C LYS C 43 30.02 28.74 -32.00
N GLY C 44 30.26 28.49 -30.71
CA GLY C 44 29.89 27.23 -30.09
C GLY C 44 28.54 27.31 -29.39
N LEU C 45 28.22 26.21 -28.71
CA LEU C 45 26.94 26.10 -28.01
C LEU C 45 27.00 26.79 -26.65
N GLU C 46 25.86 27.31 -26.22
CA GLU C 46 25.76 27.98 -24.93
C GLU C 46 24.37 27.74 -24.36
N TRP C 47 24.30 26.99 -23.26
CA TRP C 47 23.04 26.74 -22.59
C TRP C 47 22.50 28.02 -21.96
N VAL C 48 21.19 28.25 -22.09
CA VAL C 48 20.57 29.48 -21.62
C VAL C 48 19.54 29.25 -20.53
N ALA C 49 18.76 28.17 -20.61
CA ALA C 49 17.65 28.01 -19.68
C ALA C 49 17.24 26.55 -19.58
N TYR C 50 16.48 26.23 -18.53
CA TYR C 50 16.00 24.89 -18.29
C TYR C 50 14.73 24.95 -17.45
N ILE C 51 13.76 24.13 -17.80
CA ILE C 51 12.55 23.94 -16.99
C ILE C 51 12.30 22.44 -16.88
N SER C 52 12.01 21.98 -15.66
CA SER C 52 11.91 20.55 -15.40
C SER C 52 10.63 19.98 -16.02
N SER C 53 10.39 18.68 -15.78
CA SER C 53 9.23 18.01 -16.34
C SER C 53 7.94 18.69 -15.88
N GLY C 54 7.86 19.02 -14.60
CA GLY C 54 6.80 19.89 -14.12
C GLY C 54 7.23 21.33 -14.30
N SER C 55 7.13 22.13 -13.25
CA SER C 55 7.71 23.47 -13.28
C SER C 55 8.36 23.82 -11.95
N GLY C 56 8.77 22.82 -11.16
CA GLY C 56 9.25 23.11 -9.82
C GLY C 56 10.54 23.92 -9.81
N THR C 57 11.50 23.53 -10.64
CA THR C 57 12.79 24.21 -10.69
C THR C 57 13.02 24.77 -12.09
N ILE C 58 13.54 26.00 -12.14
CA ILE C 58 13.87 26.69 -13.38
C ILE C 58 15.26 27.28 -13.21
N TYR C 59 16.13 27.04 -14.19
CA TYR C 59 17.51 27.51 -14.15
C TYR C 59 17.77 28.41 -15.35
N TYR C 60 18.54 29.48 -15.11
CA TYR C 60 18.93 30.42 -16.15
C TYR C 60 20.44 30.56 -16.18
N ALA C 61 20.96 30.90 -17.35
CA ALA C 61 22.34 31.34 -17.45
C ALA C 61 22.47 32.76 -16.91
N ASP C 62 23.65 33.05 -16.36
CA ASP C 62 23.87 34.36 -15.75
C ASP C 62 23.71 35.48 -16.76
N THR C 63 24.03 35.21 -18.03
CA THR C 63 23.93 36.25 -19.05
C THR C 63 22.49 36.62 -19.33
N VAL C 64 21.55 35.70 -19.15
CA VAL C 64 20.14 35.93 -19.44
C VAL C 64 19.29 36.01 -18.18
N LYS C 65 19.88 35.83 -17.01
CA LYS C 65 19.12 35.88 -15.76
C LYS C 65 18.54 37.27 -15.55
N GLY C 66 17.25 37.31 -15.21
CA GLY C 66 16.54 38.55 -15.02
C GLY C 66 15.94 39.14 -16.28
N ARG C 67 16.33 38.67 -17.45
CA ARG C 67 15.81 39.14 -18.72
C ARG C 67 14.99 38.10 -19.46
N PHE C 68 15.38 36.84 -19.38
CA PHE C 68 14.70 35.75 -20.07
C PHE C 68 13.77 35.03 -19.12
N THR C 69 12.69 34.49 -19.67
CA THR C 69 11.76 33.66 -18.92
C THR C 69 11.43 32.42 -19.75
N ILE C 70 11.58 31.25 -19.13
CA ILE C 70 11.25 29.98 -19.78
C ILE C 70 9.95 29.46 -19.17
N SER C 71 9.05 29.00 -20.03
CA SER C 71 7.75 28.50 -19.59
C SER C 71 7.30 27.40 -20.55
N ARG C 72 6.31 26.63 -20.11
CA ARG C 72 5.81 25.52 -20.91
C ARG C 72 4.30 25.44 -20.76
N ASP C 73 3.64 24.97 -21.81
CA ASP C 73 2.20 24.71 -21.81
C ASP C 73 2.02 23.24 -22.12
N ASP C 74 1.94 22.42 -21.05
CA ASP C 74 1.90 20.98 -21.22
C ASP C 74 0.71 20.49 -22.04
N PRO C 75 -0.53 20.97 -21.83
CA PRO C 75 -1.63 20.52 -22.69
C PRO C 75 -1.41 20.82 -24.16
N LYS C 76 -0.79 21.95 -24.48
CA LYS C 76 -0.51 22.31 -25.86
C LYS C 76 0.83 21.80 -26.36
N ASN C 77 1.63 21.18 -25.48
CA ASN C 77 2.95 20.66 -25.82
C ASN C 77 3.83 21.74 -26.46
N THR C 78 3.89 22.90 -25.80
CA THR C 78 4.65 24.03 -26.30
C THR C 78 5.59 24.55 -25.23
N LEU C 79 6.82 24.88 -25.65
CA LEU C 79 7.82 25.49 -24.78
C LEU C 79 8.03 26.94 -25.22
N PHE C 80 8.16 27.83 -24.24
CA PHE C 80 8.25 29.26 -24.50
C PHE C 80 9.51 29.82 -23.89
N LEU C 81 10.07 30.83 -24.55
CA LEU C 81 11.19 31.60 -24.02
C LEU C 81 10.92 33.07 -24.28
N GLN C 82 10.53 33.79 -23.23
CA GLN C 82 10.27 35.22 -23.33
C GLN C 82 11.54 35.99 -23.02
N MET C 83 12.04 36.73 -24.01
CA MET C 83 13.24 37.55 -23.86
C MET C 83 12.87 39.01 -23.83
N THR C 84 13.56 39.78 -23.00
CA THR C 84 13.35 41.21 -22.88
C THR C 84 14.70 41.92 -22.85
N SER C 85 14.69 43.20 -23.22
CA SER C 85 15.89 44.04 -23.28
C SER C 85 17.00 43.33 -24.05
N LEU C 86 16.68 42.89 -25.27
CA LEU C 86 17.62 42.12 -26.06
C LEU C 86 18.83 42.95 -26.46
N ARG C 87 20.01 42.33 -26.36
CA ARG C 87 21.26 42.94 -26.74
C ARG C 87 21.84 42.23 -27.96
N SER C 88 22.89 42.83 -28.53
CA SER C 88 23.52 42.23 -29.71
C SER C 88 24.14 40.88 -29.40
N GLU C 89 24.49 40.63 -28.14
CA GLU C 89 25.06 39.35 -27.75
C GLU C 89 24.02 38.23 -27.75
N ASP C 90 22.73 38.55 -27.90
CA ASP C 90 21.70 37.53 -27.96
C ASP C 90 21.49 36.98 -29.36
N THR C 91 22.10 37.57 -30.38
CA THR C 91 22.00 37.07 -31.74
C THR C 91 22.60 35.67 -31.82
N ALA C 92 21.76 34.68 -32.05
CA ALA C 92 22.18 33.28 -32.04
C ALA C 92 21.09 32.45 -32.71
N MET C 93 21.32 31.15 -32.78
CA MET C 93 20.31 30.18 -33.18
C MET C 93 19.90 29.39 -31.94
N TYR C 94 18.61 29.44 -31.61
CA TYR C 94 18.11 28.85 -30.37
C TYR C 94 17.48 27.50 -30.64
N TYR C 95 17.92 26.50 -29.90
CA TYR C 95 17.36 25.16 -29.95
C TYR C 95 16.73 24.80 -28.62
N CYS C 96 15.68 23.99 -28.68
CA CYS C 96 15.16 23.31 -27.50
C CYS C 96 15.57 21.85 -27.52
N VAL C 97 15.86 21.33 -26.35
CA VAL C 97 16.38 19.98 -26.18
C VAL C 97 15.51 19.23 -25.20
N ARG C 98 15.10 18.02 -25.57
CA ARG C 98 14.49 17.13 -24.60
C ARG C 98 15.52 16.72 -23.55
N SER C 99 15.05 16.51 -22.33
CA SER C 99 15.92 16.00 -21.27
C SER C 99 15.05 15.31 -20.23
N ILE C 100 15.00 13.98 -20.27
CA ILE C 100 14.32 13.19 -19.26
C ILE C 100 15.36 12.71 -18.27
N TYR C 101 15.01 12.67 -16.99
CA TYR C 101 15.96 12.40 -15.92
C TYR C 101 15.43 11.31 -15.00
N TYR C 102 15.92 10.09 -15.22
CA TYR C 102 15.74 8.98 -14.29
C TYR C 102 16.97 8.11 -14.41
N TYR C 103 17.02 7.06 -13.60
CA TYR C 103 18.19 6.19 -13.62
C TYR C 103 18.34 5.52 -14.97
N GLY C 104 19.46 5.79 -15.64
CA GLY C 104 19.75 5.20 -16.93
C GLY C 104 19.18 5.94 -18.13
N SER C 105 18.57 7.10 -17.93
CA SER C 105 18.01 7.87 -19.04
C SER C 105 19.12 8.57 -19.82
N SER C 106 18.75 9.12 -20.98
CA SER C 106 19.68 9.78 -21.89
C SER C 106 19.23 11.23 -22.08
N PRO C 107 19.69 12.14 -21.23
CA PRO C 107 19.35 13.56 -21.43
C PRO C 107 19.98 14.14 -22.68
N PHE C 108 19.33 15.18 -23.22
CA PHE C 108 19.84 15.93 -24.37
C PHE C 108 19.89 15.08 -25.63
N ASP C 109 18.83 14.31 -25.89
CA ASP C 109 18.82 13.35 -26.99
C ASP C 109 18.05 13.83 -28.22
N PHE C 110 17.48 15.03 -28.21
CA PHE C 110 16.80 15.54 -29.39
C PHE C 110 16.80 17.06 -29.38
N TRP C 111 17.08 17.66 -30.54
CA TRP C 111 17.20 19.11 -30.69
C TRP C 111 16.31 19.58 -31.84
N GLY C 112 16.21 20.91 -31.98
CA GLY C 112 15.44 21.55 -33.03
C GLY C 112 16.22 22.61 -33.80
N GLY C 113 15.72 23.86 -33.80
CA GLY C 113 16.45 25.00 -34.34
C GLY C 113 15.60 26.18 -34.78
N THR C 114 16.01 27.40 -34.39
CA THR C 114 15.41 28.64 -34.86
C THR C 114 16.41 29.77 -34.64
N THR C 115 16.28 30.82 -35.46
CA THR C 115 17.32 31.84 -35.56
C THR C 115 16.78 33.19 -35.09
N LEU C 116 17.52 33.84 -34.19
CA LEU C 116 17.20 35.19 -33.71
C LEU C 116 18.39 36.10 -33.97
N THR C 117 18.10 37.30 -34.48
CA THR C 117 19.15 38.28 -34.79
C THR C 117 18.76 39.62 -34.20
N VAL C 118 19.68 40.21 -33.44
CA VAL C 118 19.48 41.52 -32.83
C VAL C 118 20.36 42.52 -33.58
N SER C 119 19.76 43.60 -34.05
CA SER C 119 20.47 44.57 -34.86
C SER C 119 21.51 45.32 -34.03
N SER C 120 22.36 46.08 -34.72
CA SER C 120 23.42 46.83 -34.05
C SER C 120 22.82 47.92 -33.15
N GLY C 121 21.89 48.69 -33.68
CA GLY C 121 21.24 49.76 -32.92
C GLY C 121 22.14 50.95 -32.68
N GLY C 133 32.75 31.88 -15.44
CA GLY C 133 32.08 32.87 -14.61
C GLY C 133 32.23 32.62 -13.12
N GLY C 134 33.47 32.42 -12.69
CA GLY C 134 33.75 32.16 -11.29
C GLY C 134 33.69 30.69 -10.96
N SER C 135 32.56 30.25 -10.40
CA SER C 135 32.36 28.85 -10.07
C SER C 135 31.99 28.00 -11.28
N ASP C 136 31.78 28.62 -12.43
CA ASP C 136 31.41 27.87 -13.63
C ASP C 136 32.52 26.92 -14.05
N ILE C 137 32.12 25.70 -14.42
CA ILE C 137 33.08 24.70 -14.89
C ILE C 137 33.53 25.08 -16.28
N VAL C 138 34.85 25.13 -16.49
CA VAL C 138 35.43 25.47 -17.78
C VAL C 138 35.74 24.18 -18.52
N MET C 139 35.17 24.03 -19.71
CA MET C 139 35.42 22.89 -20.57
C MET C 139 36.20 23.38 -21.79
N THR C 140 37.39 22.84 -22.00
CA THR C 140 38.29 23.30 -23.03
C THR C 140 38.59 22.16 -24.01
N GLN C 141 38.39 22.42 -25.28
CA GLN C 141 38.77 21.50 -26.35
C GLN C 141 40.01 22.08 -27.02
N ALA C 142 41.14 21.41 -26.83
CA ALA C 142 42.42 21.99 -27.21
C ALA C 142 42.51 22.22 -28.72
N THR C 143 42.05 21.26 -29.51
CA THR C 143 42.14 21.35 -30.96
C THR C 143 40.86 21.93 -31.53
N SER C 144 41.01 22.87 -32.46
CA SER C 144 39.86 23.48 -33.12
C SER C 144 39.51 22.83 -34.44
N SER C 145 40.48 22.19 -35.09
CA SER C 145 40.23 21.53 -36.37
C SER C 145 41.17 20.33 -36.51
N VAL C 146 40.59 19.20 -36.91
CA VAL C 146 41.36 17.98 -37.13
C VAL C 146 41.15 17.51 -38.57
N PRO C 147 42.04 17.86 -39.50
CA PRO C 147 41.90 17.36 -40.87
C PRO C 147 42.28 15.88 -40.92
N VAL C 148 41.36 15.07 -41.44
CA VAL C 148 41.51 13.62 -41.48
C VAL C 148 40.86 13.09 -42.75
N THR C 149 41.13 11.82 -43.06
CA THR C 149 40.66 11.12 -44.24
C THR C 149 39.71 9.99 -43.84
N PRO C 150 38.73 9.66 -44.69
CA PRO C 150 37.79 8.58 -44.35
C PRO C 150 38.50 7.26 -44.15
N GLY C 151 37.99 6.47 -43.20
CA GLY C 151 38.54 5.17 -42.90
C GLY C 151 39.62 5.13 -41.85
N GLU C 152 40.10 6.28 -41.40
CA GLU C 152 41.17 6.36 -40.42
C GLU C 152 40.60 6.80 -39.07
N SER C 153 41.05 6.14 -38.00
CA SER C 153 40.57 6.44 -36.66
C SER C 153 41.04 7.82 -36.21
N VAL C 154 40.13 8.54 -35.54
CA VAL C 154 40.41 9.86 -35.00
C VAL C 154 40.04 9.88 -33.54
N SER C 155 40.73 10.73 -32.77
CA SER C 155 40.46 10.91 -31.35
C SER C 155 40.33 12.38 -31.05
N ILE C 156 39.30 12.76 -30.30
CA ILE C 156 39.05 14.13 -29.90
C ILE C 156 39.08 14.20 -28.39
N SER C 157 39.81 15.18 -27.86
CA SER C 157 40.01 15.32 -26.42
C SER C 157 39.28 16.55 -25.91
N CYS C 158 38.91 16.51 -24.63
CA CYS C 158 38.26 17.63 -23.96
C CYS C 158 38.62 17.56 -22.49
N ARG C 159 38.86 18.71 -21.88
CA ARG C 159 39.32 18.81 -20.51
C ARG C 159 38.38 19.70 -19.70
N SER C 160 38.16 19.33 -18.44
CA SER C 160 37.34 20.10 -17.53
C SER C 160 38.19 20.63 -16.38
N SER C 161 37.92 21.87 -15.97
CA SER C 161 38.63 22.45 -14.83
C SER C 161 38.36 21.67 -13.55
N LYS C 162 37.10 21.28 -13.34
CA LYS C 162 36.69 20.49 -12.19
C LYS C 162 36.44 19.05 -12.62
N SER C 163 36.66 18.13 -11.67
CA SER C 163 36.42 16.71 -11.94
C SER C 163 34.94 16.46 -12.12
N LEU C 164 34.57 15.93 -13.29
CA LEU C 164 33.17 15.63 -13.57
C LEU C 164 32.70 14.34 -12.94
N LEU C 165 33.61 13.50 -12.45
CA LEU C 165 33.22 12.29 -11.76
C LEU C 165 32.58 12.62 -10.41
N HIS C 166 31.45 11.97 -10.12
CA HIS C 166 30.70 12.18 -8.91
C HIS C 166 30.90 11.02 -7.95
N SER C 167 30.58 11.25 -6.69
CA SER C 167 30.70 10.21 -5.68
C SER C 167 29.76 9.04 -5.93
N ASN C 168 28.71 9.24 -6.73
CA ASN C 168 27.79 8.16 -7.05
C ASN C 168 28.31 7.24 -8.16
N GLY C 169 29.45 7.57 -8.76
CA GLY C 169 30.03 6.76 -9.80
C GLY C 169 29.80 7.25 -11.21
N ASN C 170 29.04 8.32 -11.40
CA ASN C 170 28.77 8.87 -12.72
C ASN C 170 29.77 9.96 -13.07
N THR C 171 30.08 10.06 -14.35
CA THR C 171 30.89 11.14 -14.90
C THR C 171 30.01 11.86 -15.93
N TYR C 172 29.48 13.02 -15.54
CA TYR C 172 28.47 13.72 -16.34
C TYR C 172 29.15 14.52 -17.44
N LEU C 173 29.61 13.80 -18.45
CA LEU C 173 30.18 14.40 -19.65
C LEU C 173 29.41 13.93 -20.86
N TYR C 174 29.11 14.85 -21.77
CA TYR C 174 28.31 14.55 -22.95
C TYR C 174 29.08 14.96 -24.20
N TRP C 175 28.85 14.23 -25.28
CA TRP C 175 29.43 14.53 -26.59
C TRP C 175 28.31 14.76 -27.59
N PHE C 176 28.43 15.83 -28.38
CA PHE C 176 27.47 16.13 -29.42
C PHE C 176 28.20 16.33 -30.75
N LEU C 177 27.53 15.94 -31.83
CA LEU C 177 28.04 16.15 -33.18
C LEU C 177 27.06 17.02 -33.94
N GLN C 178 27.57 18.11 -34.53
CA GLN C 178 26.77 19.02 -35.34
C GLN C 178 27.33 19.00 -36.75
N ARG C 179 26.61 18.37 -37.67
CA ARG C 179 27.01 18.36 -39.06
C ARG C 179 26.71 19.71 -39.71
N PRO C 180 27.40 20.05 -40.81
CA PRO C 180 27.15 21.34 -41.47
C PRO C 180 25.70 21.56 -41.84
N GLY C 181 25.12 22.63 -41.31
CA GLY C 181 23.72 22.93 -41.59
C GLY C 181 22.72 22.07 -40.84
N GLN C 182 23.15 21.37 -39.79
CA GLN C 182 22.28 20.48 -39.05
C GLN C 182 22.33 20.84 -37.56
N SER C 183 21.30 20.39 -36.84
CA SER C 183 21.20 20.58 -35.41
C SER C 183 22.10 19.56 -34.69
N PRO C 184 22.60 19.91 -33.50
CA PRO C 184 23.42 18.97 -32.74
C PRO C 184 22.64 17.72 -32.37
N GLN C 185 23.33 16.59 -32.35
CA GLN C 185 22.74 15.32 -31.93
C GLN C 185 23.62 14.70 -30.85
N LEU C 186 22.99 14.04 -29.89
CA LEU C 186 23.74 13.39 -28.82
C LEU C 186 24.51 12.19 -29.36
N LEU C 187 25.79 12.11 -29.02
CA LEU C 187 26.62 10.97 -29.35
C LEU C 187 26.90 10.09 -28.14
N ILE C 188 27.47 10.67 -27.09
CA ILE C 188 27.83 9.96 -25.87
C ILE C 188 27.24 10.71 -24.69
N TYR C 189 26.55 10.00 -23.80
CA TYR C 189 25.99 10.60 -22.60
C TYR C 189 26.61 9.94 -21.38
N ARG C 190 26.94 10.78 -20.39
CA ARG C 190 27.63 10.37 -19.17
C ARG C 190 28.96 9.67 -19.48
N MET C 191 29.64 10.19 -20.50
CA MET C 191 31.07 9.94 -20.78
C MET C 191 31.36 8.55 -21.33
N SER C 192 30.38 7.65 -21.28
CA SER C 192 30.64 6.28 -21.74
C SER C 192 29.52 5.64 -22.53
N ASN C 193 28.30 6.17 -22.52
CA ASN C 193 27.14 5.47 -23.03
C ASN C 193 26.79 5.98 -24.42
N LEU C 194 26.66 5.05 -25.37
CA LEU C 194 26.31 5.40 -26.74
C LEU C 194 24.83 5.76 -26.81
N ALA C 195 24.53 6.87 -27.50
CA ALA C 195 23.14 7.26 -27.69
C ALA C 195 22.46 6.34 -28.69
N SER C 196 21.14 6.25 -28.57
CA SER C 196 20.37 5.39 -29.46
C SER C 196 20.48 5.87 -30.90
N GLY C 197 20.72 4.93 -31.82
CA GLY C 197 20.87 5.25 -33.21
C GLY C 197 22.25 5.69 -33.64
N VAL C 198 23.19 5.80 -32.72
CA VAL C 198 24.56 6.19 -33.03
C VAL C 198 25.37 4.94 -33.34
N PRO C 199 26.15 4.93 -34.42
CA PRO C 199 26.93 3.72 -34.75
C PRO C 199 27.95 3.39 -33.68
N ASP C 200 28.27 2.11 -33.57
CA ASP C 200 29.22 1.62 -32.58
C ASP C 200 30.65 2.09 -32.83
N ARG C 201 30.93 2.67 -34.00
CA ARG C 201 32.25 3.21 -34.27
C ARG C 201 32.61 4.38 -33.36
N PHE C 202 31.63 4.97 -32.70
CA PHE C 202 31.88 6.01 -31.70
C PHE C 202 32.06 5.38 -30.33
N SER C 203 33.11 5.78 -29.61
CA SER C 203 33.40 5.25 -28.29
C SER C 203 33.77 6.40 -27.37
N GLY C 204 33.45 6.24 -26.09
CA GLY C 204 33.75 7.27 -25.12
C GLY C 204 34.57 6.78 -23.95
N SER C 205 35.73 7.40 -23.75
CA SER C 205 36.62 7.09 -22.63
C SER C 205 37.10 8.39 -22.00
N GLY C 206 37.45 8.32 -20.72
CA GLY C 206 37.91 9.50 -20.04
C GLY C 206 38.31 9.19 -18.61
N SER C 207 38.75 10.25 -17.93
CA SER C 207 39.19 10.19 -16.54
C SER C 207 38.41 11.22 -15.74
N GLY C 208 38.84 11.50 -14.52
CA GLY C 208 38.14 12.48 -13.71
C GLY C 208 38.02 13.84 -14.38
N THR C 209 39.08 14.28 -15.06
CA THR C 209 39.10 15.60 -15.67
C THR C 209 39.40 15.60 -17.17
N ALA C 210 39.99 14.54 -17.72
CA ALA C 210 40.34 14.48 -19.13
C ALA C 210 39.51 13.40 -19.80
N PHE C 211 38.97 13.72 -20.98
CA PHE C 211 38.08 12.82 -21.69
C PHE C 211 38.47 12.77 -23.16
N THR C 212 38.15 11.64 -23.80
CA THR C 212 38.47 11.41 -25.20
C THR C 212 37.28 10.77 -25.90
N LEU C 213 37.04 11.20 -27.14
CA LEU C 213 36.04 10.58 -28.00
C LEU C 213 36.74 10.02 -29.23
N THR C 214 36.57 8.72 -29.46
CA THR C 214 37.28 8.01 -30.51
C THR C 214 36.30 7.54 -31.58
N ILE C 215 36.61 7.83 -32.83
CA ILE C 215 35.83 7.35 -33.98
C ILE C 215 36.69 6.31 -34.68
N SER C 216 36.20 5.06 -34.71
CA SER C 216 37.03 3.96 -35.21
C SER C 216 37.25 4.05 -36.71
N ARG C 217 36.18 4.26 -37.47
CA ARG C 217 36.24 4.27 -38.94
C ARG C 217 35.57 5.54 -39.43
N LEU C 218 36.36 6.51 -39.89
CA LEU C 218 35.82 7.78 -40.33
C LEU C 218 34.96 7.61 -41.57
N GLU C 219 33.84 8.34 -41.61
CA GLU C 219 32.96 8.36 -42.76
C GLU C 219 32.63 9.81 -43.09
N ALA C 220 32.04 10.01 -44.27
CA ALA C 220 31.66 11.37 -44.68
C ALA C 220 30.61 11.96 -43.77
N GLU C 221 29.81 11.10 -43.10
CA GLU C 221 28.78 11.59 -42.19
C GLU C 221 29.36 12.13 -40.88
N ASP C 222 30.61 11.78 -40.56
CA ASP C 222 31.22 12.22 -39.33
C ASP C 222 31.82 13.62 -39.40
N VAL C 223 31.81 14.24 -40.59
CA VAL C 223 32.38 15.58 -40.73
C VAL C 223 31.49 16.59 -40.03
N GLY C 224 32.08 17.41 -39.18
CA GLY C 224 31.33 18.40 -38.43
C GLY C 224 32.13 18.88 -37.24
N VAL C 225 31.42 19.47 -36.28
CA VAL C 225 32.00 20.00 -35.06
C VAL C 225 31.53 19.15 -33.90
N TYR C 226 32.47 18.74 -33.06
CA TYR C 226 32.20 17.89 -31.90
C TYR C 226 32.30 18.71 -30.63
N TYR C 227 31.27 18.62 -29.79
CA TYR C 227 31.15 19.43 -28.58
C TYR C 227 31.14 18.53 -27.36
N CYS C 228 31.84 18.96 -26.31
CA CYS C 228 31.80 18.31 -25.02
C CYS C 228 31.07 19.21 -24.03
N MET C 229 30.08 18.66 -23.33
CA MET C 229 29.29 19.40 -22.37
C MET C 229 29.25 18.65 -21.06
N GLN C 230 29.33 19.38 -19.96
CA GLN C 230 29.23 18.81 -18.62
C GLN C 230 27.80 18.99 -18.11
N HIS C 231 27.32 17.98 -17.39
CA HIS C 231 26.03 18.05 -16.70
C HIS C 231 26.19 17.83 -15.21
N LEU C 232 27.38 18.07 -14.66
CA LEU C 232 27.61 17.88 -13.24
C LEU C 232 26.79 18.87 -12.42
N GLU C 233 26.72 20.12 -12.85
CA GLU C 233 25.98 21.14 -12.13
C GLU C 233 25.62 22.26 -13.10
N TYR C 234 24.67 23.06 -12.70
CA TYR C 234 24.31 24.21 -13.51
C TYR C 234 25.18 25.42 -13.14
N PRO C 235 25.51 26.28 -14.11
CA PRO C 235 25.09 26.28 -15.53
C PRO C 235 25.77 25.18 -16.34
N LEU C 236 25.09 24.65 -17.35
CA LEU C 236 25.70 23.66 -18.23
C LEU C 236 26.60 24.38 -19.22
N THR C 237 27.85 23.95 -19.30
CA THR C 237 28.86 24.61 -20.12
C THR C 237 29.39 23.65 -21.18
N PHE C 238 29.65 24.18 -22.36
CA PHE C 238 30.15 23.42 -23.49
C PHE C 238 31.63 23.73 -23.72
N GLY C 239 32.27 22.84 -24.46
CA GLY C 239 33.59 23.13 -24.98
C GLY C 239 33.52 24.04 -26.19
N ALA C 240 34.70 24.48 -26.63
CA ALA C 240 34.75 25.36 -27.79
C ALA C 240 34.29 24.65 -29.06
N GLY C 241 34.47 23.34 -29.14
CA GLY C 241 34.11 22.59 -30.33
C GLY C 241 35.29 22.31 -31.22
N THR C 242 35.46 21.06 -31.63
CA THR C 242 36.55 20.65 -32.50
C THR C 242 35.99 20.29 -33.87
N LYS C 243 36.44 20.99 -34.91
CA LYS C 243 36.01 20.70 -36.26
C LYS C 243 36.68 19.44 -36.79
N LEU C 244 35.99 18.78 -37.71
CA LEU C 244 36.47 17.54 -38.32
C LEU C 244 36.12 17.59 -39.79
N GLU C 245 37.13 17.79 -40.64
CA GLU C 245 36.91 17.96 -42.07
C GLU C 245 37.82 17.03 -42.86
N LEU C 246 37.43 16.77 -44.10
CA LEU C 246 38.18 15.89 -44.97
C LEU C 246 39.46 16.55 -45.47
N SER D 8 -9.44 -41.46 -21.54
CA SER D 8 -9.27 -42.54 -20.58
C SER D 8 -8.07 -43.40 -20.92
N ILE D 9 -8.19 -44.19 -21.99
CA ILE D 9 -7.08 -45.05 -22.40
C ILE D 9 -5.93 -44.22 -22.95
N ALA D 10 -6.24 -43.15 -23.69
CA ALA D 10 -5.18 -42.32 -24.27
C ALA D 10 -4.38 -41.60 -23.19
N GLN D 11 -5.08 -41.02 -22.22
CA GLN D 11 -4.38 -40.34 -21.13
C GLN D 11 -3.61 -41.33 -20.27
N ALA D 12 -4.14 -42.54 -20.09
CA ALA D 12 -3.42 -43.56 -19.34
C ALA D 12 -2.13 -43.95 -20.06
N ARG D 13 -2.20 -44.13 -21.38
CA ARG D 13 -0.99 -44.45 -22.13
C ARG D 13 0.01 -43.30 -22.09
N LYS D 14 -0.48 -42.06 -22.18
CA LYS D 14 0.41 -40.91 -22.11
C LYS D 14 1.13 -40.84 -20.77
N LEU D 15 0.39 -41.05 -19.68
CA LEU D 15 1.01 -41.00 -18.35
C LEU D 15 1.94 -42.19 -18.13
N VAL D 16 1.62 -43.35 -18.70
CA VAL D 16 2.53 -44.50 -18.60
C VAL D 16 3.84 -44.19 -19.33
N GLU D 17 3.74 -43.60 -20.52
CA GLU D 17 4.94 -43.23 -21.27
C GLU D 17 5.75 -42.18 -20.51
N GLN D 18 5.07 -41.21 -19.89
CA GLN D 18 5.78 -40.21 -19.09
C GLN D 18 6.49 -40.85 -17.91
N LEU D 19 5.83 -41.78 -17.21
CA LEU D 19 6.48 -42.46 -16.09
C LEU D 19 7.68 -43.28 -16.57
N LYS D 20 7.55 -43.93 -17.73
CA LYS D 20 8.67 -44.67 -18.28
C LYS D 20 9.84 -43.76 -18.60
N MET D 21 9.57 -42.57 -19.15
CA MET D 21 10.63 -41.60 -19.40
C MET D 21 11.28 -41.15 -18.10
N GLU D 22 10.47 -40.92 -17.06
CA GLU D 22 11.01 -40.53 -15.76
C GLU D 22 11.90 -41.62 -15.17
N ALA D 23 11.54 -42.89 -15.39
CA ALA D 23 12.29 -43.99 -14.78
C ALA D 23 13.62 -44.23 -15.47
N ASN D 24 13.75 -43.85 -16.73
CA ASN D 24 14.95 -44.18 -17.50
C ASN D 24 16.17 -43.33 -17.14
N ILE D 25 15.99 -42.29 -16.32
CA ILE D 25 17.11 -41.41 -16.01
C ILE D 25 18.12 -42.12 -15.10
N ASP D 26 19.35 -41.62 -15.11
CA ASP D 26 20.40 -42.13 -14.23
C ASP D 26 20.55 -41.21 -13.02
N ARG D 27 20.45 -41.78 -11.83
CA ARG D 27 20.46 -41.02 -10.58
C ARG D 27 21.75 -41.28 -9.83
N ILE D 28 22.41 -40.21 -9.40
CA ILE D 28 23.62 -40.31 -8.58
C ILE D 28 23.20 -40.53 -7.14
N LYS D 29 24.16 -40.90 -6.29
CA LYS D 29 23.87 -41.10 -4.88
C LYS D 29 23.60 -39.76 -4.20
N VAL D 30 22.81 -39.82 -3.12
CA VAL D 30 22.46 -38.62 -2.38
C VAL D 30 23.70 -38.00 -1.73
N SER D 31 24.65 -38.84 -1.30
CA SER D 31 25.87 -38.34 -0.70
C SER D 31 26.67 -37.48 -1.67
N LYS D 32 26.75 -37.90 -2.94
CA LYS D 32 27.46 -37.12 -3.94
C LYS D 32 26.80 -35.76 -4.15
N ALA D 33 25.47 -35.74 -4.22
CA ALA D 33 24.76 -34.48 -4.39
C ALA D 33 24.96 -33.56 -3.20
N ALA D 34 24.89 -34.11 -1.99
CA ALA D 34 25.13 -33.31 -0.79
C ALA D 34 26.54 -32.75 -0.77
N ALA D 35 27.53 -33.57 -1.14
CA ALA D 35 28.90 -33.10 -1.18
C ALA D 35 29.09 -32.00 -2.21
N ASP D 36 28.45 -32.13 -3.38
CA ASP D 36 28.55 -31.09 -4.40
C ASP D 36 27.91 -29.80 -3.93
N LEU D 37 26.75 -29.88 -3.26
CA LEU D 37 26.12 -28.68 -2.73
C LEU D 37 27.00 -28.02 -1.68
N MET D 38 27.60 -28.82 -0.78
CA MET D 38 28.51 -28.25 0.21
C MET D 38 29.71 -27.59 -0.45
N ALA D 39 30.28 -28.23 -1.47
CA ALA D 39 31.43 -27.67 -2.15
C ALA D 39 31.09 -26.34 -2.81
N TYR D 40 29.93 -26.26 -3.46
CA TYR D 40 29.51 -25.01 -4.06
C TYR D 40 29.32 -23.93 -3.01
N CYS D 41 28.68 -24.28 -1.89
CA CYS D 41 28.46 -23.29 -0.84
C CYS D 41 29.78 -22.80 -0.25
N GLU D 42 30.72 -23.72 -0.04
CA GLU D 42 32.00 -23.35 0.56
C GLU D 42 32.85 -22.53 -0.39
N ALA D 43 32.80 -22.83 -1.69
CA ALA D 43 33.60 -22.09 -2.65
C ALA D 43 33.18 -20.65 -2.75
N HIS D 44 31.88 -20.38 -2.68
CA HIS D 44 31.33 -19.04 -2.86
C HIS D 44 30.94 -18.38 -1.54
N ALA D 45 31.40 -18.90 -0.41
CA ALA D 45 31.06 -18.31 0.88
C ALA D 45 31.61 -16.89 1.01
N LYS D 46 32.84 -16.68 0.53
CA LYS D 46 33.46 -15.35 0.65
C LYS D 46 32.77 -14.31 -0.21
N GLU D 47 32.05 -14.72 -1.25
CA GLU D 47 31.43 -13.79 -2.19
C GLU D 47 29.96 -13.53 -1.90
N ASP D 48 29.46 -13.98 -0.74
CA ASP D 48 28.05 -13.80 -0.40
C ASP D 48 27.93 -12.66 0.59
N PRO D 49 27.45 -11.48 0.17
CA PRO D 49 27.32 -10.35 1.12
C PRO D 49 26.37 -10.63 2.28
N LEU D 50 25.31 -11.41 2.03
CA LEU D 50 24.34 -11.66 3.08
C LEU D 50 24.90 -12.61 4.14
N LEU D 51 25.63 -13.64 3.72
CA LEU D 51 26.19 -14.60 4.66
C LEU D 51 27.20 -13.93 5.59
N THR D 52 28.08 -13.11 5.04
CA THR D 52 29.07 -12.37 5.81
C THR D 52 28.83 -10.88 5.60
N PRO D 53 28.25 -10.18 6.59
CA PRO D 53 27.98 -8.74 6.43
C PRO D 53 29.19 -7.94 5.98
N VAL D 54 29.09 -7.33 4.81
CA VAL D 54 30.19 -6.57 4.21
C VAL D 54 30.43 -5.31 5.03
N PRO D 55 31.63 -4.72 4.97
CA PRO D 55 31.85 -3.45 5.66
C PRO D 55 30.93 -2.37 5.10
N ALA D 56 30.57 -1.41 5.98
CA ALA D 56 29.63 -0.37 5.60
C ALA D 56 30.13 0.44 4.42
N SER D 57 31.45 0.51 4.22
CA SER D 57 31.99 1.25 3.08
C SER D 57 31.56 0.62 1.77
N GLU D 58 31.56 -0.71 1.69
CA GLU D 58 31.19 -1.44 0.48
C GLU D 58 29.69 -1.73 0.41
N ASN D 59 28.87 -1.00 1.15
CA ASN D 59 27.43 -1.23 1.18
C ASN D 59 26.71 -0.06 0.51
N PRO D 60 26.18 -0.23 -0.70
CA PRO D 60 25.42 0.86 -1.32
C PRO D 60 24.05 1.08 -0.72
N PHE D 61 23.61 0.20 0.18
CA PHE D 61 22.30 0.32 0.82
C PHE D 61 22.39 0.85 2.25
N ARG D 62 23.55 1.33 2.68
CA ARG D 62 23.67 1.86 4.03
C ARG D 62 22.73 3.04 4.22
N GLU D 63 22.03 3.05 5.35
CA GLU D 63 21.04 4.07 5.64
C GLU D 63 21.56 5.07 6.66
N ASP E 290 -29.58 35.11 61.05
CA ASP E 290 -30.13 34.92 59.72
C ASP E 290 -29.43 33.80 58.98
N CYS E 291 -28.22 33.47 59.38
CA CYS E 291 -27.43 32.44 58.71
C CYS E 291 -26.39 31.88 59.68
N LEU E 292 -26.02 30.63 59.43
CA LEU E 292 -25.00 29.94 60.22
C LEU E 292 -24.56 28.69 59.48
N PHE E 293 -23.26 28.48 59.34
CA PHE E 293 -22.73 27.35 58.57
C PHE E 293 -21.59 26.67 59.32
N ASP E 294 -21.77 26.43 60.62
CA ASP E 294 -20.75 25.74 61.39
C ASP E 294 -20.99 24.23 61.39
N GLY E 295 -22.17 23.80 61.83
CA GLY E 295 -22.49 22.39 61.78
C GLY E 295 -22.54 21.86 60.36
N VAL E 296 -23.05 22.66 59.43
CA VAL E 296 -23.02 22.29 58.02
C VAL E 296 -21.59 22.06 57.58
N ASN E 297 -20.67 22.95 57.96
CA ASN E 297 -19.29 22.81 57.52
C ASN E 297 -18.62 21.59 58.13
N GLU E 298 -18.88 21.30 59.40
CA GLU E 298 -18.24 20.13 60.02
C GLU E 298 -18.81 18.82 59.46
N LEU E 299 -20.13 18.76 59.28
CA LEU E 299 -20.74 17.58 58.67
C LEU E 299 -20.23 17.38 57.24
N MET E 300 -20.10 18.49 56.50
CA MET E 300 -19.61 18.39 55.14
C MET E 300 -18.14 18.00 55.10
N LYS E 301 -17.35 18.43 56.08
CA LYS E 301 -15.96 17.99 56.16
C LYS E 301 -15.89 16.48 56.35
N THR E 302 -16.69 15.96 57.29
CA THR E 302 -16.69 14.51 57.51
C THR E 302 -17.13 13.77 56.25
N LEU E 303 -18.22 14.22 55.63
CA LEU E 303 -18.75 13.54 54.45
C LEU E 303 -17.79 13.64 53.27
N GLN E 304 -17.14 14.79 53.09
CA GLN E 304 -16.26 14.95 51.95
C GLN E 304 -15.00 14.12 52.12
N PHE E 305 -14.49 13.98 53.34
CA PHE E 305 -13.44 13.00 53.57
C PHE E 305 -13.93 11.60 53.19
N ALA E 306 -15.09 11.20 53.72
CA ALA E 306 -15.57 9.84 53.55
C ALA E 306 -15.90 9.51 52.10
N VAL E 307 -16.17 10.53 51.29
CA VAL E 307 -16.48 10.28 49.89
C VAL E 307 -15.25 10.43 48.99
N HIS E 308 -14.37 11.40 49.27
CA HIS E 308 -13.22 11.68 48.42
C HIS E 308 -12.06 10.72 48.64
N ILE E 309 -11.91 10.14 49.83
CA ILE E 309 -10.84 9.17 50.01
C ILE E 309 -11.07 7.95 49.12
N PRO E 310 -12.23 7.27 49.19
CA PRO E 310 -12.44 6.14 48.28
C PRO E 310 -12.49 6.55 46.83
N THR E 311 -13.03 7.73 46.53
CA THR E 311 -13.06 8.19 45.15
C THR E 311 -11.65 8.39 44.61
N PHE E 312 -10.79 9.02 45.41
CA PHE E 312 -9.39 9.18 45.01
C PHE E 312 -8.72 7.83 44.78
N VAL E 313 -8.87 6.91 45.75
CA VAL E 313 -8.20 5.62 45.64
C VAL E 313 -8.67 4.86 44.41
N LEU E 314 -9.99 4.75 44.23
CA LEU E 314 -10.52 4.00 43.09
C LEU E 314 -10.13 4.66 41.77
N GLY E 315 -10.31 5.98 41.67
CA GLY E 315 -10.06 6.67 40.42
C GLY E 315 -8.61 6.61 39.99
N LEU E 316 -7.68 6.65 40.96
CA LEU E 316 -6.27 6.58 40.61
C LEU E 316 -5.96 5.34 39.78
N LEU E 317 -6.17 4.16 40.36
CA LEU E 317 -5.86 2.93 39.63
C LEU E 317 -6.77 2.72 38.43
N LEU E 318 -8.05 3.13 38.53
CA LEU E 318 -8.94 2.93 37.39
C LEU E 318 -8.46 3.70 36.17
N ASN E 319 -8.09 4.97 36.36
CA ASN E 319 -7.65 5.77 35.22
C ASN E 319 -6.24 5.41 34.77
N LEU E 320 -5.37 4.97 35.70
CA LEU E 320 -4.06 4.48 35.26
C LEU E 320 -4.21 3.22 34.41
N LEU E 321 -5.10 2.31 34.82
CA LEU E 321 -5.36 1.12 34.02
C LEU E 321 -5.96 1.48 32.67
N ALA E 322 -6.87 2.45 32.65
CA ALA E 322 -7.47 2.88 31.39
C ALA E 322 -6.42 3.47 30.45
N ILE E 323 -5.54 4.32 30.98
CA ILE E 323 -4.50 4.92 30.16
C ILE E 323 -3.58 3.84 29.61
N HIS E 324 -3.20 2.87 30.45
CA HIS E 324 -2.34 1.79 29.98
C HIS E 324 -3.03 0.98 28.88
N GLY E 325 -4.30 0.65 29.05
CA GLY E 325 -5.00 -0.14 28.05
C GLY E 325 -5.16 0.57 26.73
N PHE E 326 -5.54 1.85 26.76
CA PHE E 326 -5.72 2.56 25.51
C PHE E 326 -4.39 2.92 24.85
N SER E 327 -3.32 3.09 25.64
CA SER E 327 -2.01 3.23 25.05
C SER E 327 -1.56 1.94 24.38
N THR E 328 -1.89 0.80 24.98
CA THR E 328 -1.62 -0.48 24.34
C THR E 328 -2.37 -0.58 23.01
N PHE E 329 -3.63 -0.14 23.00
CA PHE E 329 -4.38 -0.13 21.74
C PHE E 329 -3.73 0.78 20.71
N LEU E 330 -3.26 1.96 21.14
CA LEU E 330 -2.63 2.89 20.21
C LEU E 330 -1.36 2.31 19.62
N LYS E 331 -0.55 1.64 20.44
CA LYS E 331 0.70 1.07 19.97
C LYS E 331 0.55 -0.30 19.32
N ASN E 332 -0.63 -0.90 19.37
CA ASN E 332 -0.85 -2.25 18.83
C ASN E 332 -1.81 -2.27 17.65
N ARG E 333 -2.94 -1.58 17.75
CA ARG E 333 -3.98 -1.67 16.72
C ARG E 333 -4.37 -0.28 16.22
N TRP E 334 -3.38 0.51 15.82
CA TRP E 334 -3.60 1.89 15.41
C TRP E 334 -4.64 2.06 14.31
N PRO E 335 -4.59 1.33 13.18
CA PRO E 335 -5.46 1.70 12.05
C PRO E 335 -6.96 1.67 12.36
N ASP E 336 -7.41 0.74 13.20
CA ASP E 336 -8.84 0.60 13.46
C ASP E 336 -9.31 1.26 14.75
N TYR E 337 -8.43 1.44 15.74
CA TYR E 337 -8.85 1.98 17.02
C TYR E 337 -8.07 3.24 17.43
N ALA E 338 -7.39 3.89 16.49
CA ALA E 338 -6.54 5.02 16.86
C ALA E 338 -7.34 6.24 17.24
N ALA E 339 -8.37 6.57 16.45
CA ALA E 339 -9.13 7.79 16.69
C ALA E 339 -9.93 7.72 17.99
N THR E 340 -10.51 6.56 18.29
CA THR E 340 -11.28 6.43 19.52
C THR E 340 -10.38 6.40 20.74
N SER E 341 -9.26 5.69 20.64
CA SER E 341 -8.33 5.59 21.77
C SER E 341 -7.78 6.94 22.16
N ILE E 342 -7.64 7.87 21.21
CA ILE E 342 -7.06 9.17 21.52
C ILE E 342 -7.96 9.93 22.49
N TYR E 343 -9.26 10.01 22.18
CA TYR E 343 -10.14 10.73 23.10
C TYR E 343 -10.50 9.91 24.33
N MET E 344 -10.39 8.57 24.28
CA MET E 344 -10.49 7.80 25.51
C MET E 344 -9.33 8.13 26.46
N ILE E 345 -8.12 8.24 25.93
CA ILE E 345 -6.97 8.65 26.73
C ILE E 345 -7.16 10.09 27.22
N ASN E 346 -7.75 10.95 26.39
CA ASN E 346 -8.02 12.32 26.82
C ASN E 346 -8.94 12.37 28.03
N LEU E 347 -10.04 11.60 27.96
CA LEU E 347 -10.97 11.55 29.09
C LEU E 347 -10.29 10.95 30.32
N ALA E 348 -9.49 9.90 30.14
CA ALA E 348 -8.80 9.29 31.27
C ALA E 348 -7.82 10.26 31.91
N VAL E 349 -7.15 11.08 31.10
CA VAL E 349 -6.18 12.03 31.63
C VAL E 349 -6.87 13.14 32.40
N PHE E 350 -8.01 13.62 31.90
CA PHE E 350 -8.78 14.60 32.66
C PHE E 350 -9.25 14.02 33.99
N ASP E 351 -9.77 12.78 33.96
CA ASP E 351 -10.21 12.14 35.20
C ASP E 351 -9.04 11.96 36.17
N LEU E 352 -7.87 11.61 35.66
CA LEU E 352 -6.69 11.42 36.51
C LEU E 352 -6.24 12.75 37.10
N LEU E 353 -6.33 13.83 36.34
CA LEU E 353 -6.00 15.14 36.89
C LEU E 353 -6.94 15.51 38.03
N LEU E 354 -8.23 15.24 37.87
CA LEU E 354 -9.17 15.47 38.97
C LEU E 354 -8.83 14.60 40.18
N VAL E 355 -8.50 13.33 39.93
CA VAL E 355 -8.14 12.43 41.02
C VAL E 355 -6.93 12.97 41.79
N LEU E 356 -5.92 13.45 41.06
CA LEU E 356 -4.72 13.94 41.72
C LEU E 356 -4.96 15.27 42.43
N SER E 357 -5.91 16.07 41.95
CA SER E 357 -6.27 17.29 42.66
C SER E 357 -7.16 17.02 43.87
N LEU E 358 -7.74 15.83 43.97
CA LEU E 358 -8.60 15.51 45.11
C LEU E 358 -7.88 15.57 46.46
N PRO E 359 -6.69 14.98 46.66
CA PRO E 359 -6.06 15.09 48.00
C PRO E 359 -5.77 16.52 48.42
N PHE E 360 -5.39 17.38 47.48
CA PHE E 360 -5.21 18.79 47.80
C PHE E 360 -6.53 19.41 48.24
N LYS E 361 -7.63 19.02 47.59
CA LYS E 361 -8.94 19.51 48.00
C LYS E 361 -9.27 19.05 49.41
N MET E 362 -8.98 17.79 49.72
CA MET E 362 -9.29 17.26 51.05
C MET E 362 -8.47 17.95 52.13
N VAL E 363 -7.18 18.16 51.89
CA VAL E 363 -6.30 18.70 52.94
C VAL E 363 -6.49 20.21 53.05
N LEU E 364 -6.36 20.91 51.93
CA LEU E 364 -6.34 22.38 51.96
C LEU E 364 -7.67 22.96 52.39
N SER E 365 -8.76 22.21 52.29
CA SER E 365 -10.06 22.74 52.70
C SER E 365 -10.25 22.71 54.21
N GLN E 366 -9.37 22.04 54.95
CA GLN E 366 -9.46 22.00 56.40
C GLN E 366 -8.22 22.54 57.11
N VAL E 367 -7.16 22.89 56.37
CA VAL E 367 -5.94 23.44 56.92
C VAL E 367 -5.65 24.76 56.23
N GLN E 368 -5.01 25.67 56.95
CA GLN E 368 -4.72 27.00 56.42
C GLN E 368 -3.81 26.89 55.21
N SER E 369 -4.06 27.76 54.23
CA SER E 369 -3.26 27.79 53.02
C SER E 369 -1.90 28.42 53.30
N PRO E 370 -0.78 27.71 53.09
CA PRO E 370 0.52 28.35 53.29
C PRO E 370 0.74 29.57 52.42
N PHE E 371 0.27 29.53 51.17
CA PHE E 371 0.40 30.64 50.24
C PHE E 371 -0.99 31.16 49.87
N PRO E 372 -1.11 32.47 49.64
CA PRO E 372 -2.43 33.02 49.27
C PRO E 372 -2.99 32.45 47.98
N SER E 373 -2.14 32.10 47.01
CA SER E 373 -2.60 31.71 45.68
C SER E 373 -2.61 30.20 45.46
N LEU E 374 -2.24 29.40 46.45
CA LEU E 374 -2.28 27.96 46.28
C LEU E 374 -3.71 27.46 46.13
N CYS E 375 -4.65 28.07 46.85
CA CYS E 375 -6.05 27.70 46.73
C CYS E 375 -6.56 27.92 45.32
N THR E 376 -6.19 29.04 44.71
CA THR E 376 -6.61 29.32 43.34
C THR E 376 -6.06 28.28 42.37
N LEU E 377 -4.79 27.89 42.55
CA LEU E 377 -4.20 26.88 41.66
C LEU E 377 -4.88 25.53 41.80
N VAL E 378 -5.15 25.11 43.05
CA VAL E 378 -5.81 23.83 43.27
C VAL E 378 -7.22 23.86 42.68
N GLU E 379 -7.95 24.96 42.89
CA GLU E 379 -9.28 25.10 42.34
C GLU E 379 -9.26 25.07 40.82
N CYS E 380 -8.27 25.73 40.22
CA CYS E 380 -8.15 25.74 38.77
C CYS E 380 -7.93 24.34 38.23
N LEU E 381 -7.00 23.60 38.83
CA LEU E 381 -6.75 22.24 38.37
C LEU E 381 -8.00 21.38 38.51
N TYR E 382 -8.68 21.47 39.65
CA TYR E 382 -9.86 20.66 39.92
C TYR E 382 -10.97 20.93 38.90
N PHE E 383 -11.32 22.20 38.72
CA PHE E 383 -12.44 22.52 37.84
C PHE E 383 -12.10 22.40 36.37
N VAL E 384 -10.84 22.64 35.99
CA VAL E 384 -10.42 22.37 34.62
C VAL E 384 -10.54 20.88 34.32
N SER E 385 -10.16 20.04 35.27
CA SER E 385 -10.34 18.60 35.08
C SER E 385 -11.81 18.25 34.91
N MET E 386 -12.67 18.80 35.77
CA MET E 386 -14.10 18.52 35.68
C MET E 386 -14.65 18.88 34.30
N TYR E 387 -14.43 20.11 33.87
CA TYR E 387 -15.06 20.57 32.64
C TYR E 387 -14.38 20.03 31.40
N GLY E 388 -13.09 19.72 31.46
CA GLY E 388 -12.45 19.03 30.37
C GLY E 388 -13.01 17.63 30.17
N SER E 389 -13.27 16.93 31.28
CA SER E 389 -13.94 15.64 31.17
C SER E 389 -15.34 15.79 30.58
N VAL E 390 -16.06 16.83 31.00
CA VAL E 390 -17.41 17.06 30.47
C VAL E 390 -17.36 17.25 28.95
N PHE E 391 -16.45 18.11 28.49
CA PHE E 391 -16.38 18.41 27.06
C PHE E 391 -15.85 17.23 26.26
N THR E 392 -14.94 16.44 26.82
CA THR E 392 -14.52 15.22 26.16
C THR E 392 -15.68 14.25 26.01
N ILE E 393 -16.51 14.10 27.05
CA ILE E 393 -17.68 13.24 26.98
C ILE E 393 -18.62 13.72 25.88
N CYS E 394 -18.84 15.02 25.82
CA CYS E 394 -19.73 15.58 24.79
C CYS E 394 -19.18 15.32 23.39
N PHE E 395 -17.86 15.47 23.22
CA PHE E 395 -17.27 15.25 21.91
C PHE E 395 -17.33 13.77 21.53
N ILE E 396 -17.21 12.87 22.52
CA ILE E 396 -17.37 11.44 22.25
C ILE E 396 -18.79 11.15 21.75
N SER E 397 -19.79 11.71 22.42
CA SER E 397 -21.17 11.48 22.02
C SER E 397 -21.45 12.05 20.63
N MET E 398 -20.93 13.26 20.36
CA MET E 398 -21.12 13.87 19.04
C MET E 398 -20.42 13.07 17.95
N ASP E 399 -19.22 12.54 18.24
CA ASP E 399 -18.52 11.70 17.28
C ASP E 399 -19.31 10.43 16.98
N ARG E 400 -19.84 9.79 18.02
CA ARG E 400 -20.66 8.60 17.80
C ARG E 400 -21.89 8.91 16.96
N PHE E 401 -22.58 10.01 17.27
CA PHE E 401 -23.76 10.36 16.51
C PHE E 401 -23.42 10.67 15.07
N LEU E 402 -22.32 11.37 14.83
CA LEU E 402 -21.93 11.69 13.45
C LEU E 402 -21.59 10.43 12.67
N ALA E 403 -20.88 9.49 13.30
CA ALA E 403 -20.55 8.24 12.62
C ALA E 403 -21.80 7.44 12.31
N ILE E 404 -22.76 7.40 13.23
CA ILE E 404 -23.97 6.62 13.01
C ILE E 404 -24.86 7.28 11.95
N ARG E 405 -25.02 8.59 12.02
CA ARG E 405 -25.95 9.30 11.13
C ARG E 405 -25.39 9.49 9.73
N TYR E 406 -24.09 9.70 9.59
CA TYR E 406 -23.45 9.92 8.29
C TYR E 406 -22.30 8.93 8.14
N PRO E 407 -22.62 7.64 7.95
CA PRO E 407 -21.54 6.64 7.89
C PRO E 407 -20.57 6.86 6.75
N LEU E 408 -21.03 7.30 5.58
CA LEU E 408 -20.14 7.47 4.44
C LEU E 408 -19.17 8.63 4.65
N LEU E 409 -19.69 9.79 5.05
CA LEU E 409 -18.85 10.96 5.26
C LEU E 409 -17.83 10.70 6.37
N VAL E 410 -18.27 10.06 7.46
CA VAL E 410 -17.36 9.79 8.57
C VAL E 410 -16.32 8.76 8.17
N SER E 411 -16.72 7.73 7.43
CA SER E 411 -15.77 6.74 6.95
C SER E 411 -14.72 7.39 6.06
N HIS E 412 -15.12 8.39 5.28
CA HIS E 412 -14.17 9.09 4.41
C HIS E 412 -13.26 10.01 5.20
N LEU E 413 -13.81 10.72 6.19
CA LEU E 413 -13.12 11.85 6.82
C LEU E 413 -12.48 11.54 8.16
N ARG E 414 -13.06 10.64 8.95
CA ARG E 414 -12.54 10.38 10.29
C ARG E 414 -11.11 9.88 10.24
N SER E 415 -10.25 10.48 11.05
CA SER E 415 -8.84 10.13 11.10
C SER E 415 -8.31 10.45 12.49
N PRO E 416 -7.26 9.78 12.93
CA PRO E 416 -6.72 10.08 14.27
C PRO E 416 -6.23 11.50 14.44
N ARG E 417 -5.74 12.12 13.36
CA ARG E 417 -5.20 13.47 13.48
C ARG E 417 -6.30 14.49 13.78
N LYS E 418 -7.47 14.33 13.16
CA LYS E 418 -8.57 15.25 13.44
C LYS E 418 -9.06 15.11 14.88
N ILE E 419 -9.16 13.87 15.37
CA ILE E 419 -9.55 13.65 16.76
C ILE E 419 -8.51 14.26 17.70
N PHE E 420 -7.22 14.09 17.38
CA PHE E 420 -6.16 14.68 18.19
C PHE E 420 -6.26 16.20 18.20
N GLY E 421 -6.54 16.80 17.05
CA GLY E 421 -6.70 18.25 17.00
C GLY E 421 -7.89 18.72 17.80
N ILE E 422 -8.98 17.96 17.79
CA ILE E 422 -10.14 18.31 18.59
C ILE E 422 -9.82 18.20 20.08
N CYS E 423 -9.06 17.18 20.47
CA CYS E 423 -8.65 17.05 21.87
C CYS E 423 -7.75 18.21 22.29
N CYS E 424 -6.84 18.61 21.41
CA CYS E 424 -5.99 19.77 21.70
C CYS E 424 -6.83 21.04 21.83
N THR E 425 -7.84 21.19 20.97
CA THR E 425 -8.74 22.34 21.09
C THR E 425 -9.50 22.32 22.41
N ILE E 426 -9.91 21.13 22.86
CA ILE E 426 -10.60 21.01 24.15
C ILE E 426 -9.69 21.47 25.28
N TRP E 427 -8.45 20.99 25.28
CA TRP E 427 -7.50 21.38 26.32
C TRP E 427 -7.25 22.88 26.28
N VAL E 428 -7.05 23.43 25.09
CA VAL E 428 -6.80 24.87 24.95
C VAL E 428 -7.99 25.66 25.45
N LEU E 429 -9.21 25.23 25.11
CA LEU E 429 -10.39 25.98 25.52
C LEU E 429 -10.56 25.98 27.03
N VAL E 430 -10.44 24.80 27.67
CA VAL E 430 -10.62 24.77 29.13
C VAL E 430 -9.53 25.58 29.81
N TRP E 431 -8.27 25.43 29.37
CA TRP E 431 -7.17 26.06 30.08
C TRP E 431 -7.11 27.56 29.85
N THR E 432 -7.51 28.03 28.67
CA THR E 432 -7.56 29.46 28.41
C THR E 432 -8.91 30.07 28.73
N GLY E 433 -9.86 29.28 29.24
CA GLY E 433 -11.04 29.85 29.84
C GLY E 433 -10.88 29.96 31.33
N SER E 434 -10.06 29.07 31.92
CA SER E 434 -9.80 29.15 33.35
C SER E 434 -9.07 30.43 33.73
N ILE E 435 -8.07 30.83 32.94
CA ILE E 435 -7.26 31.99 33.28
C ILE E 435 -8.06 33.29 33.32
N PRO E 436 -8.91 33.62 32.33
CA PRO E 436 -9.72 34.84 32.44
C PRO E 436 -10.73 34.80 33.58
N ILE E 437 -11.00 33.64 34.15
CA ILE E 437 -11.92 33.51 35.28
C ILE E 437 -11.19 33.62 36.60
N TYR E 438 -10.07 32.91 36.75
CA TYR E 438 -9.31 32.90 37.99
C TYR E 438 -8.41 34.11 38.14
N SER E 439 -8.34 34.97 37.12
CA SER E 439 -7.60 36.22 37.27
C SER E 439 -8.31 37.18 38.21
N PHE E 440 -9.64 37.09 38.28
CA PHE E 440 -10.43 37.95 39.14
C PHE E 440 -10.50 37.47 40.59
N HIS E 441 -9.89 36.32 40.89
CA HIS E 441 -9.88 35.80 42.25
C HIS E 441 -8.72 36.35 43.06
N GLY E 442 -8.58 37.68 43.07
CA GLY E 442 -7.55 38.33 43.83
C GLY E 442 -8.10 39.00 45.06
N LYS E 443 -9.38 39.38 44.98
CA LYS E 443 -10.09 39.97 46.11
C LYS E 443 -10.81 38.94 46.95
N VAL E 444 -10.62 37.65 46.66
CA VAL E 444 -11.38 36.60 47.33
C VAL E 444 -10.98 36.51 48.81
N GLU E 445 -9.67 36.50 49.08
CA GLU E 445 -9.15 36.36 50.43
C GLU E 445 -9.65 35.04 51.06
N LYS E 446 -9.19 33.94 50.47
CA LYS E 446 -9.54 32.60 50.90
C LYS E 446 -8.36 31.95 51.59
N TYR E 447 -8.45 31.78 52.91
CA TYR E 447 -7.46 31.02 53.65
C TYR E 447 -7.64 29.52 53.48
N MET E 448 -8.84 29.08 53.10
CA MET E 448 -9.12 27.71 52.74
C MET E 448 -9.87 27.68 51.43
N CYS E 449 -9.62 26.65 50.63
CA CYS E 449 -10.14 26.58 49.28
C CYS E 449 -11.57 26.05 49.26
N PHE E 450 -12.28 26.37 48.16
CA PHE E 450 -13.65 25.92 47.94
C PHE E 450 -14.59 26.38 49.05
N HIS E 451 -14.37 27.60 49.54
CA HIS E 451 -15.16 28.11 50.66
C HIS E 451 -15.63 29.54 50.52
N ASN E 452 -14.98 30.37 49.71
CA ASN E 452 -15.08 31.83 49.81
C ASN E 452 -15.24 32.49 48.45
N MET E 453 -16.02 31.88 47.55
CA MET E 453 -16.01 32.35 46.17
C MET E 453 -16.65 33.73 46.06
N SER E 454 -16.01 34.59 45.28
CA SER E 454 -16.36 36.00 45.16
C SER E 454 -17.47 36.22 44.14
N ASP E 455 -18.08 37.40 44.22
CA ASP E 455 -19.13 37.75 43.27
C ASP E 455 -18.52 38.28 41.98
N ASP E 456 -17.54 37.55 41.45
CA ASP E 456 -17.00 37.76 40.12
C ASP E 456 -17.37 36.64 39.17
N THR E 457 -17.37 35.40 39.66
CA THR E 457 -17.84 34.25 38.91
C THR E 457 -19.29 33.90 39.21
N TRP E 458 -19.86 34.46 40.27
CA TRP E 458 -21.24 34.19 40.66
C TRP E 458 -22.21 35.27 40.22
N SER E 459 -21.73 36.32 39.58
CA SER E 459 -22.64 37.30 39.00
C SER E 459 -23.31 36.71 37.76
N ALA E 460 -24.50 37.24 37.45
CA ALA E 460 -25.28 36.69 36.35
C ALA E 460 -24.49 36.68 35.05
N LYS E 461 -23.83 37.79 34.75
CA LYS E 461 -23.07 37.94 33.50
C LYS E 461 -21.93 36.92 33.39
N VAL E 462 -21.49 36.34 34.51
CA VAL E 462 -20.53 35.25 34.45
C VAL E 462 -21.12 33.91 34.86
N PHE E 463 -22.02 33.88 35.85
CA PHE E 463 -22.58 32.60 36.27
C PHE E 463 -23.42 31.97 35.17
N PHE E 464 -24.36 32.73 34.60
CA PHE E 464 -25.27 32.14 33.63
C PHE E 464 -24.57 31.66 32.36
N PRO E 465 -23.67 32.42 31.74
CA PRO E 465 -22.89 31.83 30.63
C PRO E 465 -22.11 30.60 31.03
N LEU E 466 -21.58 30.55 32.26
CA LEU E 466 -20.89 29.35 32.71
C LEU E 466 -21.83 28.15 32.74
N GLU E 467 -23.04 28.34 33.27
CA GLU E 467 -24.01 27.25 33.32
C GLU E 467 -24.42 26.83 31.92
N VAL E 468 -24.66 27.79 31.03
CA VAL E 468 -25.11 27.47 29.67
C VAL E 468 -24.03 26.71 28.91
N PHE E 469 -22.78 27.16 29.00
CA PHE E 469 -21.71 26.59 28.19
C PHE E 469 -20.97 25.45 28.89
N GLY E 470 -21.29 25.14 30.13
CA GLY E 470 -20.65 24.02 30.78
C GLY E 470 -21.61 22.91 31.14
N PHE E 471 -22.88 23.24 31.33
CA PHE E 471 -23.89 22.22 31.59
C PHE E 471 -25.01 22.21 30.56
N LEU E 472 -25.69 23.35 30.36
CA LEU E 472 -26.94 23.32 29.59
C LEU E 472 -26.70 22.92 28.14
N LEU E 473 -25.79 23.62 27.47
CA LEU E 473 -25.46 23.22 26.09
C LEU E 473 -24.84 21.84 26.01
N PRO E 474 -23.85 21.48 26.86
CA PRO E 474 -23.37 20.10 26.83
C PRO E 474 -24.45 19.06 27.10
N MET E 475 -25.37 19.32 28.03
CA MET E 475 -26.40 18.34 28.31
C MET E 475 -27.40 18.24 27.15
N GLY E 476 -27.76 19.36 26.54
CA GLY E 476 -28.63 19.30 25.38
C GLY E 476 -28.00 18.55 24.23
N ILE E 477 -26.72 18.83 23.95
CA ILE E 477 -26.00 18.14 22.89
C ILE E 477 -25.93 16.64 23.19
N MET E 478 -25.59 16.30 24.43
CA MET E 478 -25.48 14.89 24.82
C MET E 478 -26.81 14.17 24.70
N GLY E 479 -27.89 14.79 25.18
CA GLY E 479 -29.19 14.17 25.09
C GLY E 479 -29.66 13.98 23.67
N PHE E 480 -29.54 15.02 22.85
CA PHE E 480 -29.92 14.89 21.44
C PHE E 480 -29.10 13.82 20.75
N CYS E 481 -27.78 13.85 20.94
CA CYS E 481 -26.92 12.92 20.22
C CYS E 481 -27.18 11.49 20.63
N CYS E 482 -27.32 11.24 21.94
CA CYS E 482 -27.58 9.89 22.41
C CYS E 482 -28.95 9.39 21.95
N SER E 483 -29.98 10.24 22.05
CA SER E 483 -31.31 9.82 21.64
C SER E 483 -31.37 9.53 20.15
N ARG E 484 -30.74 10.37 19.33
CA ARG E 484 -30.75 10.14 17.88
C ARG E 484 -29.93 8.92 17.51
N SER E 485 -28.79 8.69 18.18
CA SER E 485 -28.02 7.50 17.92
C SER E 485 -28.82 6.25 18.23
N ILE E 486 -29.52 6.24 19.37
CA ILE E 486 -30.32 5.09 19.75
C ILE E 486 -31.47 4.90 18.77
N HIS E 487 -32.11 5.99 18.35
CA HIS E 487 -33.21 5.89 17.40
C HIS E 487 -32.76 5.33 16.06
N ILE E 488 -31.59 5.77 15.59
CA ILE E 488 -31.09 5.26 14.32
C ILE E 488 -30.68 3.80 14.43
N LEU E 489 -30.05 3.43 15.54
CA LEU E 489 -29.64 2.04 15.71
C LEU E 489 -30.84 1.13 15.91
N LEU E 490 -31.94 1.65 16.43
CA LEU E 490 -33.17 0.86 16.55
C LEU E 490 -33.90 0.74 15.22
N GLY E 491 -33.71 1.69 14.32
CA GLY E 491 -34.40 1.67 13.04
C GLY E 491 -33.79 0.74 12.01
N ARG E 492 -32.74 0.01 12.36
CA ARG E 492 -32.08 -0.89 11.44
C ARG E 492 -32.81 -2.22 11.26
N ARG E 493 -34.01 -2.37 11.85
CA ARG E 493 -34.80 -3.57 11.60
C ARG E 493 -35.29 -3.66 10.16
N ASP E 494 -35.37 -2.52 9.47
CA ASP E 494 -35.86 -2.51 8.10
C ASP E 494 -34.84 -3.08 7.13
N HIS E 495 -33.55 -2.94 7.42
CA HIS E 495 -32.53 -3.30 6.45
C HIS E 495 -31.99 -4.72 6.64
N THR E 496 -31.79 -5.14 7.89
CA THR E 496 -31.18 -6.45 8.14
C THR E 496 -31.70 -7.00 9.44
N GLN E 497 -31.71 -8.34 9.54
CA GLN E 497 -32.08 -9.00 10.77
C GLN E 497 -30.93 -9.09 11.77
N ASP E 498 -29.73 -8.66 11.38
CA ASP E 498 -28.58 -8.63 12.26
C ASP E 498 -28.49 -7.33 13.05
N TRP E 499 -29.54 -6.51 13.05
CA TRP E 499 -29.52 -5.28 13.83
C TRP E 499 -29.48 -5.58 15.33
N VAL E 500 -29.90 -6.77 15.74
CA VAL E 500 -29.87 -7.14 17.14
C VAL E 500 -28.44 -7.31 17.65
N GLN E 501 -27.47 -7.41 16.74
CA GLN E 501 -26.07 -7.47 17.15
C GLN E 501 -25.59 -6.18 17.81
N GLN E 502 -26.28 -5.07 17.56
CA GLN E 502 -25.89 -3.77 18.08
C GLN E 502 -26.76 -3.30 19.23
N LYS E 503 -27.38 -4.23 19.96
CA LYS E 503 -28.14 -3.87 21.15
C LYS E 503 -27.21 -3.36 22.25
N ALA E 504 -26.03 -3.97 22.37
CA ALA E 504 -25.07 -3.55 23.39
C ALA E 504 -24.62 -2.11 23.19
N CYS E 505 -24.48 -1.69 21.94
CA CYS E 505 -24.16 -0.30 21.64
C CYS E 505 -25.27 0.63 22.15
N ILE E 506 -26.52 0.21 21.95
CA ILE E 506 -27.66 0.98 22.45
C ILE E 506 -27.60 1.11 23.96
N TYR E 507 -27.31 -0.01 24.64
CA TYR E 507 -27.22 0.02 26.10
C TYR E 507 -26.08 0.92 26.55
N SER E 508 -24.94 0.87 25.86
CA SER E 508 -23.80 1.71 26.23
C SER E 508 -24.13 3.20 26.07
N ILE E 509 -24.82 3.56 24.99
CA ILE E 509 -25.16 4.96 24.78
C ILE E 509 -26.17 5.43 25.83
N ALA E 510 -27.15 4.56 26.14
CA ALA E 510 -28.12 4.90 27.19
C ALA E 510 -27.45 5.06 28.54
N ALA E 511 -26.49 4.17 28.85
CA ALA E 511 -25.75 4.27 30.09
C ALA E 511 -24.92 5.55 30.14
N SER E 512 -24.34 5.95 29.01
CA SER E 512 -23.59 7.20 28.96
C SER E 512 -24.48 8.38 29.28
N LEU E 513 -25.67 8.42 28.68
CA LEU E 513 -26.59 9.52 28.99
C LEU E 513 -26.99 9.50 30.46
N ALA E 514 -27.32 8.32 31.00
CA ALA E 514 -27.76 8.23 32.39
C ALA E 514 -26.65 8.67 33.35
N VAL E 515 -25.43 8.20 33.11
CA VAL E 515 -24.29 8.55 33.96
C VAL E 515 -24.00 10.04 33.88
N PHE E 516 -24.04 10.62 32.67
CA PHE E 516 -23.85 12.06 32.56
C PHE E 516 -24.88 12.85 33.35
N VAL E 517 -26.16 12.49 33.21
CA VAL E 517 -27.22 13.22 33.92
C VAL E 517 -27.04 13.08 35.43
N VAL E 518 -26.78 11.86 35.90
CA VAL E 518 -26.66 11.63 37.34
C VAL E 518 -25.46 12.37 37.91
N SER E 519 -24.36 12.40 37.16
CA SER E 519 -23.12 12.96 37.70
C SER E 519 -23.06 14.48 37.60
N PHE E 520 -23.75 15.08 36.63
CA PHE E 520 -23.59 16.51 36.43
C PHE E 520 -24.86 17.34 36.55
N LEU E 521 -26.04 16.71 36.71
CA LEU E 521 -27.25 17.50 36.89
C LEU E 521 -27.39 18.03 38.32
N PRO E 522 -27.31 17.21 39.37
CA PRO E 522 -27.49 17.76 40.72
C PRO E 522 -26.48 18.82 41.10
N VAL E 523 -25.24 18.74 40.62
CA VAL E 523 -24.22 19.72 40.99
C VAL E 523 -24.56 21.09 40.42
N HIS E 524 -25.09 21.12 39.20
CA HIS E 524 -25.46 22.40 38.61
C HIS E 524 -26.80 22.90 39.15
N LEU E 525 -27.66 21.98 39.60
CA LEU E 525 -28.82 22.38 40.38
C LEU E 525 -28.38 23.09 41.67
N GLY E 526 -27.36 22.55 42.33
CA GLY E 526 -26.83 23.21 43.52
C GLY E 526 -26.18 24.53 43.20
N PHE E 527 -25.49 24.61 42.07
CA PHE E 527 -24.92 25.89 41.63
C PHE E 527 -26.02 26.93 41.45
N PHE E 528 -27.10 26.56 40.78
CA PHE E 528 -28.22 27.50 40.58
C PHE E 528 -28.85 27.89 41.91
N LEU E 529 -29.04 26.92 42.80
CA LEU E 529 -29.64 27.20 44.10
C LEU E 529 -28.78 28.15 44.91
N GLN E 530 -27.47 27.93 44.92
CA GLN E 530 -26.56 28.83 45.62
C GLN E 530 -26.53 30.20 44.96
N PHE E 531 -26.71 30.25 43.64
CA PHE E 531 -26.88 31.53 42.97
C PHE E 531 -28.11 32.26 43.50
N LEU E 532 -29.19 31.51 43.73
CA LEU E 532 -30.41 32.13 44.26
C LEU E 532 -30.21 32.63 45.69
N VAL E 533 -29.41 31.92 46.48
CA VAL E 533 -29.11 32.40 47.83
C VAL E 533 -28.31 33.70 47.77
N ARG E 534 -27.28 33.74 46.92
CA ARG E 534 -26.45 34.94 46.81
C ARG E 534 -27.24 36.14 46.32
N ASN E 535 -28.35 35.91 45.62
CA ASN E 535 -29.17 36.98 45.07
C ASN E 535 -30.43 37.21 45.88
N SER E 536 -30.48 36.70 47.12
CA SER E 536 -31.55 36.90 48.08
C SER E 536 -32.90 36.36 47.59
N PHE E 537 -32.91 35.42 46.66
CA PHE E 537 -34.16 34.77 46.29
C PHE E 537 -34.58 33.77 47.36
N ILE E 538 -33.62 33.10 47.98
CA ILE E 538 -33.85 32.24 49.13
C ILE E 538 -33.07 32.84 50.29
N VAL E 539 -33.77 33.55 51.18
CA VAL E 539 -33.13 34.28 52.25
C VAL E 539 -33.40 33.68 53.63
N GLU E 540 -34.57 33.07 53.83
CA GLU E 540 -34.93 32.56 55.14
C GLU E 540 -34.00 31.41 55.54
N CYS E 541 -33.58 31.41 56.80
CA CYS E 541 -32.56 30.51 57.29
C CYS E 541 -33.07 29.07 57.30
N ARG E 542 -32.13 28.13 57.43
CA ARG E 542 -32.28 26.69 57.32
C ARG E 542 -32.45 26.27 55.86
N ALA E 543 -32.65 27.21 54.94
CA ALA E 543 -32.67 26.93 53.51
C ALA E 543 -31.34 27.26 52.85
N LYS E 544 -30.68 28.32 53.30
CA LYS E 544 -29.32 28.60 52.86
C LYS E 544 -28.36 27.51 53.33
N GLN E 545 -28.52 27.05 54.57
CA GLN E 545 -27.66 26.00 55.09
C GLN E 545 -27.86 24.70 54.33
N SER E 546 -29.11 24.36 54.04
CA SER E 546 -29.39 23.13 53.29
C SER E 546 -28.90 23.24 51.86
N ILE E 547 -29.04 24.42 51.25
CA ILE E 547 -28.55 24.60 49.89
C ILE E 547 -27.03 24.48 49.84
N SER E 548 -26.34 25.06 50.82
CA SER E 548 -24.88 24.93 50.89
C SER E 548 -24.47 23.48 51.08
N PHE E 549 -25.15 22.77 51.99
CA PHE E 549 -24.85 21.37 52.22
C PHE E 549 -25.08 20.55 50.95
N PHE E 550 -26.18 20.81 50.25
CA PHE E 550 -26.48 20.08 49.03
C PHE E 550 -25.44 20.38 47.96
N LEU E 551 -25.02 21.64 47.82
CA LEU E 551 -24.01 22.00 46.83
C LEU E 551 -22.70 21.27 47.11
N GLN E 552 -22.24 21.30 48.35
CA GLN E 552 -20.97 20.65 48.69
C GLN E 552 -21.07 19.14 48.50
N LEU E 553 -22.18 18.54 48.95
CA LEU E 553 -22.33 17.09 48.85
C LEU E 553 -22.44 16.65 47.39
N SER E 554 -23.17 17.41 46.57
CA SER E 554 -23.30 17.07 45.16
C SER E 554 -21.97 17.23 44.43
N MET E 555 -21.19 18.27 44.76
CA MET E 555 -19.87 18.39 44.18
C MET E 555 -18.97 17.23 44.58
N CYS E 556 -19.13 16.75 45.82
CA CYS E 556 -18.40 15.56 46.23
C CYS E 556 -18.82 14.34 45.41
N PHE E 557 -20.13 14.17 45.19
CA PHE E 557 -20.62 13.04 44.43
C PHE E 557 -20.48 13.24 42.92
N SER E 558 -20.30 14.48 42.46
CA SER E 558 -20.00 14.70 41.05
C SER E 558 -18.65 14.11 40.67
N ASN E 559 -17.67 14.18 41.57
CA ASN E 559 -16.32 13.69 41.29
C ASN E 559 -16.27 12.17 41.23
N VAL E 560 -17.32 11.47 41.65
CA VAL E 560 -17.39 10.02 41.49
C VAL E 560 -17.44 9.63 40.02
N ASN E 561 -17.81 10.56 39.15
CA ASN E 561 -17.84 10.32 37.71
C ASN E 561 -16.48 9.93 37.16
N CYS E 562 -15.38 10.26 37.85
CA CYS E 562 -14.06 9.84 37.42
C CYS E 562 -13.91 8.32 37.39
N CYS E 563 -14.71 7.59 38.16
CA CYS E 563 -14.80 6.14 38.09
C CYS E 563 -15.97 5.67 37.24
N LEU E 564 -17.09 6.38 37.31
CA LEU E 564 -18.22 6.08 36.45
C LEU E 564 -17.85 6.22 34.99
N ASP E 565 -16.99 7.18 34.65
CA ASP E 565 -16.52 7.31 33.28
C ASP E 565 -15.77 6.06 32.82
N VAL E 566 -14.92 5.52 33.69
CA VAL E 566 -14.19 4.30 33.34
C VAL E 566 -15.17 3.15 33.13
N PHE E 567 -16.11 2.97 34.06
CA PHE E 567 -17.06 1.86 33.93
C PHE E 567 -17.96 2.03 32.71
N CYS E 568 -18.28 3.27 32.34
CA CYS E 568 -19.23 3.53 31.28
C CYS E 568 -18.61 3.51 29.89
N TYR E 569 -17.36 3.94 29.75
CA TYR E 569 -16.73 4.06 28.45
C TYR E 569 -15.67 3.02 28.17
N TYR E 570 -14.90 2.60 29.17
CA TYR E 570 -13.75 1.76 28.91
C TYR E 570 -14.03 0.29 29.19
N PHE E 571 -14.76 -0.03 30.26
CA PHE E 571 -15.04 -1.41 30.58
C PHE E 571 -16.15 -2.00 29.72
N VAL E 572 -16.97 -1.16 29.08
CA VAL E 572 -17.97 -1.67 28.16
C VAL E 572 -17.33 -2.24 26.90
N ILE E 573 -16.09 -1.86 26.62
CA ILE E 573 -15.39 -2.36 25.44
C ILE E 573 -14.92 -3.78 25.70
N LYS E 574 -15.28 -4.70 24.81
CA LYS E 574 -14.91 -6.10 25.00
C LYS E 574 -13.40 -6.30 24.94
N GLU E 575 -12.73 -5.64 23.99
CA GLU E 575 -11.28 -5.80 23.86
C GLU E 575 -10.56 -5.22 25.08
N PHE E 576 -11.04 -4.10 25.61
CA PHE E 576 -10.40 -3.50 26.78
C PHE E 576 -10.48 -4.43 27.97
N ARG E 577 -11.64 -5.06 28.19
CA ARG E 577 -11.78 -5.96 29.32
C ARG E 577 -11.12 -7.31 29.06
N MET E 578 -10.88 -7.66 27.80
CA MET E 578 -10.05 -8.83 27.49
C MET E 578 -8.59 -8.56 27.82
N ASN E 579 -8.12 -7.34 27.54
CA ASN E 579 -6.75 -6.98 27.91
C ASN E 579 -6.56 -7.01 29.41
N ILE E 580 -7.56 -6.56 30.17
CA ILE E 580 -7.49 -6.57 31.63
C ILE E 580 -8.01 -7.89 32.18
C1 NAG F . -13.23 34.15 53.79
C2 NAG F . -12.27 33.42 54.74
C3 NAG F . -12.25 34.11 56.10
C4 NAG F . -12.00 35.61 55.95
C5 NAG F . -13.01 36.20 54.96
C6 NAG F . -12.82 37.67 54.68
C7 NAG F . -11.95 30.99 54.41
C8 NAG F . -12.57 29.65 54.70
N2 NAG F . -12.66 32.05 54.88
O3 NAG F . -11.26 33.49 56.88
O4 NAG F . -12.16 36.18 57.23
O5 NAG F . -12.89 35.51 53.73
O6 NAG F . -13.75 38.08 53.72
O7 NAG F . -10.89 31.11 53.82
C1 NAG F . -10.88 36.71 57.65
C2 NAG F . -11.14 37.97 58.48
C3 NAG F . -9.82 38.52 59.00
C4 NAG F . -9.02 37.44 59.72
C5 NAG F . -8.89 36.21 58.81
C6 NAG F . -8.16 35.06 59.46
C7 NAG F . -13.15 39.28 57.90
C8 NAG F . -13.67 40.36 56.98
N2 NAG F . -11.85 38.96 57.72
O3 NAG F . -10.10 39.61 59.83
O4 NAG F . -7.76 37.98 60.03
O5 NAG F . -10.19 35.77 58.45
O6 NAG F . -8.28 33.91 58.67
O7 NAG F . -13.85 38.76 58.74
N1 A1IKH G . -18.98 28.21 40.17
C7 A1IKH G . -20.42 29.67 39.03
C8 A1IKH G . -21.06 28.33 39.11
N2 A1IKH G . -15.56 28.31 39.48
C9 A1IKH G . -19.92 27.39 39.40
O1 A1IKH G . -14.75 26.56 44.85
C1 A1IKH G . -16.85 28.05 46.34
C5 A1IKH G . -18.31 27.67 41.29
C6 A1IKH G . -19.36 29.62 40.12
N3 A1IKH G . -15.47 27.49 36.77
C4 A1IKH G . -18.95 26.83 42.20
C3 A1IKH G . -18.29 26.33 43.29
C2 A1IKH G . -16.95 26.66 43.48
N A1IKH G . -16.80 26.59 46.19
C A1IKH G . -17.99 25.87 46.68
O A1IKH G . -16.25 24.59 44.88
C10 A1IKH G . -16.96 27.99 41.47
C11 A1IKH G . -16.29 27.48 42.58
C12 A1IKH G . -16.20 28.88 40.52
C13 A1IKH G . -14.82 29.10 38.50
C14 A1IKH G . -15.41 28.91 37.13
C15 A1IKH G . -16.14 26.65 37.78
C16 A1IKH G . -15.55 26.89 39.16
C17 A1IKH G . -14.38 26.95 36.05
C18 A1IKH G . -14.67 26.51 34.76
C19 A1IKH G . -16.07 26.58 34.21
C20 A1IKH G . -13.63 25.99 33.98
C21 A1IKH G . -13.87 25.52 32.57
C22 A1IKH G . -12.35 25.94 34.50
C23 A1IKH G . -12.07 26.38 35.79
C24 A1IKH G . -13.09 26.89 36.58
O2 A1IKH G . -16.19 30.09 40.71
S A1IKH G . -16.07 26.01 44.87
C1 CLR H . -19.13 38.76 30.78
C2 CLR H . -19.16 40.27 30.55
C3 CLR H . -18.03 40.97 31.28
C4 CLR H . -16.68 40.36 30.89
C5 CLR H . -16.67 38.86 31.04
C6 CLR H . -15.71 38.25 31.73
C7 CLR H . -15.45 36.78 31.67
C8 CLR H . -16.31 36.11 30.61
C9 CLR H . -17.75 36.62 30.74
C10 CLR H . -17.79 38.11 30.34
C11 CLR H . -18.76 35.76 29.97
C12 CLR H . -18.58 34.26 30.12
C13 CLR H . -17.16 33.83 29.75
C14 CLR H . -16.24 34.60 30.73
C15 CLR H . -14.88 33.95 30.56
C16 CLR H . -15.21 32.48 30.26
C17 CLR H . -16.76 32.37 30.08
C18 CLR H . -16.86 34.15 28.29
C19 CLR H . -17.62 38.28 28.82
C20 CLR H . -17.25 31.25 29.14
C21 CLR H . -18.04 30.17 29.89
C22 CLR H . -16.14 30.61 28.28
C23 CLR H . -15.34 29.45 28.89
C24 CLR H . -15.67 28.08 28.33
C25 CLR H . -15.18 26.96 29.24
C26 CLR H . -16.36 26.26 29.90
C27 CLR H . -14.25 25.98 28.53
O1 CLR H . -18.10 42.34 30.99
#